data_5CC5
#
_entry.id   5CC5
#
_cell.length_a   79.699
_cell.length_b   79.699
_cell.length_c   223.304
_cell.angle_alpha   90.00
_cell.angle_beta   90.00
_cell.angle_gamma   90.00
#
_symmetry.space_group_name_H-M   'P 43 21 2'
#
loop_
_entity.id
_entity.type
_entity.pdbx_description
1 polymer 'Malate synthase G'
2 non-polymer 'MAGNESIUM ION'
3 non-polymer 'GLYOXYLIC ACID'
4 non-polymer '1H-INDOLE-3-CARBOXYLIC ACID'
5 water water
#
_entity_poly.entity_id   1
_entity_poly.type   'polypeptide(L)'
_entity_poly.pdbx_seq_one_letter_code
;MTDRVSVGNLRIARVLYDFVNNEALPGTDIDPDSFWAGVDKVVADLTPQNQALLNARDELQAQIDKWHRRRVIEPIDMDA
YRQFLTEIGYLLPEPDDFTITTSGVDAEITTTAGPQLVVPVLNARFALNAANARWGSLYDALYGTDVIPETDGAEKGPTY
NKVRGDKVIAYARKFLDDSVPLSSGSFGDATGFTVQDGQLVVALPDKSTGLANPGQFAGYTGAAESPTSVLLINHGLHIE
ILIDPESQVGTTDRAGVKDVILESAITTIMDFEDSVAAVDAADKVLGYRNWLGLNKGDLAAAVDKDGTAFLRVLNRDRNY
TAPGGGQFTLPGRSLMFVRNVGHLMTNDAIVDTDGSEVFEGIMDALFTGLIAIHGLKASDVNGPLINSRTGSIYIVKPKM
HGPAEVAFTCELFSRVEDVLGLPQNTMKIGIMDEERRTTVNLKACIKAAADRVVFINTGFLDRTGDEIHTSMEAGPMVRK
GTMKSQPWILAYEDHNVDAGLAAGFSGRAQVGKGMWTMTELMADMVETKIAQPRAGASTAWVPSPTAATLHALHYHQVDV
AAVQQGLAGKRRATIEQLLTIPLAKELAWAPDEIREEVDNNCQSILGYVVRWVDQGVGASKVPDIHDVALMEDRATLRIS
SQLLANWLRHGVITSADVRASLERMAPLVDRQNAGDVAYRPMAPNFDDSIAFLAAQELILSGAQQPNGYTEPILHRRRRE
FKARAAEKPAPSDRAGDDAAR
;
_entity_poly.pdbx_strand_id   A
#
# COMPACT_ATOMS: atom_id res chain seq x y z
N THR A 2 -27.18 -23.11 -12.37
CA THR A 2 -26.98 -21.74 -11.92
C THR A 2 -25.53 -21.32 -12.18
N ASP A 3 -25.13 -21.40 -13.45
CA ASP A 3 -23.73 -21.37 -13.90
C ASP A 3 -22.65 -21.59 -12.83
N ARG A 4 -22.88 -22.54 -11.94
CA ARG A 4 -21.77 -23.02 -11.12
C ARG A 4 -21.28 -24.42 -11.44
N VAL A 5 -20.07 -24.72 -10.97
CA VAL A 5 -19.42 -26.00 -11.22
C VAL A 5 -19.22 -26.70 -9.89
N SER A 6 -19.63 -27.96 -9.80
CA SER A 6 -19.52 -28.68 -8.55
C SER A 6 -18.19 -29.43 -8.43
N VAL A 7 -17.49 -29.18 -7.33
CA VAL A 7 -16.27 -29.89 -7.01
C VAL A 7 -16.32 -30.18 -5.52
N GLY A 8 -16.54 -31.44 -5.17
CA GLY A 8 -16.72 -31.80 -3.78
C GLY A 8 -17.87 -30.99 -3.21
N ASN A 9 -17.61 -30.34 -2.08
CA ASN A 9 -18.64 -29.55 -1.41
C ASN A 9 -18.81 -28.14 -2.00
N LEU A 10 -17.98 -27.81 -2.99
CA LEU A 10 -17.97 -26.43 -3.51
C LEU A 10 -18.75 -26.27 -4.80
N ARG A 11 -19.32 -25.07 -4.97
CA ARG A 11 -20.01 -24.73 -6.21
C ARG A 11 -19.36 -23.45 -6.74
N ILE A 12 -18.49 -23.64 -7.73
CA ILE A 12 -17.64 -22.58 -8.23
C ILE A 12 -18.27 -21.85 -9.41
N ALA A 13 -18.29 -20.52 -9.34
CA ALA A 13 -18.80 -19.73 -10.45
C ALA A 13 -18.05 -20.10 -11.72
N ARG A 14 -18.77 -20.30 -12.81
CA ARG A 14 -18.18 -20.78 -14.05
C ARG A 14 -17.08 -19.85 -14.54
N VAL A 15 -17.29 -18.55 -14.46
CA VAL A 15 -16.32 -17.61 -14.98
C VAL A 15 -14.97 -17.79 -14.28
N LEU A 16 -15.03 -18.17 -13.01
CA LEU A 16 -13.82 -18.44 -12.23
C LEU A 16 -13.20 -19.78 -12.58
N TYR A 17 -14.02 -20.83 -12.57
CA TYR A 17 -13.55 -22.16 -12.93
C TYR A 17 -12.82 -22.11 -14.27
N ASP A 18 -13.45 -21.49 -15.27
CA ASP A 18 -12.89 -21.35 -16.60
C ASP A 18 -11.57 -20.59 -16.58
N PHE A 19 -11.54 -19.48 -15.84
CA PHE A 19 -10.32 -18.69 -15.79
C PHE A 19 -9.18 -19.55 -15.27
N VAL A 20 -9.40 -20.20 -14.12
CA VAL A 20 -8.35 -21.01 -13.54
C VAL A 20 -7.85 -22.09 -14.51
N ASN A 21 -8.79 -22.84 -15.09
CA ASN A 21 -8.42 -23.95 -15.97
C ASN A 21 -7.74 -23.51 -17.26
N ASN A 22 -8.25 -22.43 -17.85
CA ASN A 22 -7.82 -22.02 -19.18
C ASN A 22 -6.67 -21.05 -19.18
N GLU A 23 -6.53 -20.27 -18.11
CA GLU A 23 -5.57 -19.18 -18.09
C GLU A 23 -4.51 -19.35 -17.01
N ALA A 24 -4.96 -19.73 -15.81
CA ALA A 24 -4.06 -19.77 -14.65
C ALA A 24 -3.30 -21.09 -14.50
N LEU A 25 -3.95 -22.21 -14.71
CA LEU A 25 -3.30 -23.50 -14.48
C LEU A 25 -2.25 -23.86 -15.52
N PRO A 26 -2.54 -23.60 -16.81
CA PRO A 26 -1.61 -24.00 -17.87
C PRO A 26 -0.22 -23.40 -17.68
N GLY A 27 0.80 -24.27 -17.62
CA GLY A 27 2.17 -23.83 -17.47
C GLY A 27 2.74 -23.96 -16.07
N THR A 28 1.91 -24.37 -15.11
CA THR A 28 2.35 -24.54 -13.73
C THR A 28 2.67 -25.99 -13.41
N ASP A 29 2.35 -26.90 -14.33
CA ASP A 29 2.55 -28.33 -14.12
C ASP A 29 1.72 -28.88 -12.97
N ILE A 30 0.68 -28.14 -12.58
CA ILE A 30 -0.27 -28.63 -11.58
C ILE A 30 -1.47 -29.28 -12.26
N ASP A 31 -1.76 -30.51 -11.88
CA ASP A 31 -2.91 -31.22 -12.42
C ASP A 31 -4.17 -30.49 -12.00
N PRO A 32 -4.96 -30.03 -12.98
CA PRO A 32 -6.17 -29.27 -12.65
C PRO A 32 -7.07 -29.96 -11.64
N ASP A 33 -7.31 -31.26 -11.81
CA ASP A 33 -8.20 -31.98 -10.90
C ASP A 33 -7.65 -32.04 -9.49
N SER A 34 -6.34 -32.21 -9.38
CA SER A 34 -5.68 -32.17 -8.08
C SER A 34 -5.81 -30.77 -7.49
N PHE A 35 -5.68 -29.74 -8.33
CA PHE A 35 -5.80 -28.39 -7.82
C PHE A 35 -7.15 -28.20 -7.15
N TRP A 36 -8.22 -28.59 -7.86
CA TRP A 36 -9.56 -28.31 -7.38
C TRP A 36 -9.90 -29.15 -6.16
N ALA A 37 -9.44 -30.39 -6.13
CA ALA A 37 -9.59 -31.23 -4.95
C ALA A 37 -8.90 -30.58 -3.77
N GLY A 38 -7.77 -29.93 -4.04
CA GLY A 38 -7.04 -29.20 -3.02
C GLY A 38 -7.83 -28.02 -2.50
N VAL A 39 -8.40 -27.24 -3.42
CA VAL A 39 -9.26 -26.13 -3.05
C VAL A 39 -10.40 -26.60 -2.12
N ASP A 40 -11.13 -27.62 -2.54
CA ASP A 40 -12.20 -28.20 -1.73
C ASP A 40 -11.70 -28.59 -0.33
N LYS A 41 -10.55 -29.25 -0.29
CA LYS A 41 -10.01 -29.78 0.96
C LYS A 41 -9.55 -28.67 1.90
N VAL A 42 -8.83 -27.69 1.36
CA VAL A 42 -8.36 -26.57 2.16
C VAL A 42 -9.54 -25.77 2.72
N VAL A 43 -10.51 -25.48 1.87
CA VAL A 43 -11.69 -24.74 2.30
C VAL A 43 -12.44 -25.48 3.42
N ALA A 44 -12.67 -26.77 3.23
CA ALA A 44 -13.37 -27.54 4.25
C ALA A 44 -12.58 -27.58 5.57
N ASP A 45 -11.27 -27.79 5.48
CA ASP A 45 -10.43 -27.92 6.67
C ASP A 45 -10.28 -26.62 7.47
N LEU A 46 -10.18 -25.48 6.78
CA LEU A 46 -9.78 -24.23 7.43
C LEU A 46 -10.92 -23.26 7.71
N THR A 47 -12.05 -23.43 7.03
CA THR A 47 -13.21 -22.57 7.23
C THR A 47 -13.66 -22.48 8.70
N PRO A 48 -13.71 -23.63 9.41
CA PRO A 48 -14.14 -23.57 10.82
C PRO A 48 -13.24 -22.67 11.67
N GLN A 49 -11.93 -22.78 11.50
CA GLN A 49 -10.99 -21.95 12.27
C GLN A 49 -11.08 -20.49 11.84
N ASN A 50 -11.32 -20.28 10.55
CA ASN A 50 -11.55 -18.93 10.04
C ASN A 50 -12.75 -18.30 10.77
N GLN A 51 -13.84 -19.03 10.85
CA GLN A 51 -15.04 -18.54 11.53
C GLN A 51 -14.82 -18.35 13.03
N ALA A 52 -14.12 -19.30 13.65
CA ALA A 52 -13.86 -19.22 15.07
C ALA A 52 -13.07 -17.95 15.43
N LEU A 53 -12.12 -17.59 14.57
CA LEU A 53 -11.35 -16.38 14.75
C LEU A 53 -12.22 -15.14 14.66
N LEU A 54 -13.13 -15.13 13.68
CA LEU A 54 -14.00 -13.98 13.51
C LEU A 54 -14.95 -13.83 14.70
N ASN A 55 -15.43 -14.96 15.20
CA ASN A 55 -16.32 -14.97 16.37
C ASN A 55 -15.60 -14.42 17.59
N ALA A 56 -14.32 -14.77 17.73
CA ALA A 56 -13.53 -14.30 18.85
C ALA A 56 -13.38 -12.79 18.81
N ARG A 57 -13.23 -12.23 17.61
CA ARG A 57 -13.19 -10.78 17.46
C ARG A 57 -14.43 -10.16 18.07
N ASP A 58 -15.60 -10.68 17.68
CA ASP A 58 -16.87 -10.17 18.15
C ASP A 58 -17.00 -10.28 19.66
N GLU A 59 -16.63 -11.44 20.19
CA GLU A 59 -16.74 -11.69 21.62
C GLU A 59 -15.83 -10.75 22.41
N LEU A 60 -14.64 -10.52 21.90
CA LEU A 60 -13.70 -9.63 22.59
C LEU A 60 -14.23 -8.21 22.56
N GLN A 61 -14.70 -7.78 21.40
CA GLN A 61 -15.29 -6.45 21.28
C GLN A 61 -16.48 -6.29 22.23
N ALA A 62 -17.34 -7.31 22.28
CA ALA A 62 -18.51 -7.27 23.16
C ALA A 62 -18.12 -7.07 24.63
N GLN A 63 -17.07 -7.76 25.06
CA GLN A 63 -16.58 -7.66 26.44
C GLN A 63 -16.02 -6.27 26.73
N ILE A 64 -15.21 -5.78 25.79
CA ILE A 64 -14.65 -4.44 25.92
C ILE A 64 -15.77 -3.39 25.95
N ASP A 65 -16.73 -3.52 25.04
CA ASP A 65 -17.89 -2.63 25.00
C ASP A 65 -18.56 -2.55 26.38
N LYS A 66 -18.88 -3.71 26.94
CA LYS A 66 -19.56 -3.76 28.23
C LYS A 66 -18.69 -3.22 29.35
N TRP A 67 -17.40 -3.53 29.29
CA TRP A 67 -16.45 -3.01 30.27
C TRP A 67 -16.51 -1.49 30.32
N HIS A 68 -16.48 -0.85 29.15
CA HIS A 68 -16.57 0.61 29.10
C HIS A 68 -17.90 1.15 29.64
N ARG A 69 -18.98 0.40 29.42
CA ARG A 69 -20.29 0.87 29.86
C ARG A 69 -20.46 0.80 31.38
N ARG A 70 -19.73 -0.11 32.02
CA ARG A 70 -19.80 -0.26 33.47
C ARG A 70 -18.68 0.49 34.19
N ARG A 71 -18.34 1.68 33.72
CA ARG A 71 -17.00 2.21 34.00
C ARG A 71 -16.65 3.07 35.21
N PRO A 75 -11.41 9.22 33.59
CA PRO A 75 -10.26 9.04 34.45
C PRO A 75 -10.03 7.54 34.45
N ILE A 76 -10.05 7.01 33.23
CA ILE A 76 -9.93 5.59 32.93
C ILE A 76 -8.74 4.98 33.65
N ASP A 77 -9.01 3.96 34.47
CA ASP A 77 -7.98 3.25 35.20
C ASP A 77 -7.21 2.31 34.27
N MET A 78 -6.06 2.77 33.80
CA MET A 78 -5.26 2.02 32.84
C MET A 78 -4.73 0.69 33.37
N ASP A 79 -4.45 0.64 34.67
CA ASP A 79 -4.03 -0.60 35.30
C ASP A 79 -5.14 -1.65 35.25
N ALA A 80 -6.35 -1.25 35.59
CA ALA A 80 -7.50 -2.15 35.54
C ALA A 80 -7.84 -2.53 34.10
N TYR A 81 -7.76 -1.57 33.20
CA TYR A 81 -8.01 -1.80 31.77
C TYR A 81 -7.04 -2.84 31.20
N ARG A 82 -5.76 -2.62 31.43
CA ARG A 82 -4.72 -3.55 30.99
C ARG A 82 -4.91 -4.94 31.60
N GLN A 83 -5.31 -4.98 32.87
CA GLN A 83 -5.48 -6.25 33.56
C GLN A 83 -6.66 -7.00 32.97
N PHE A 84 -7.70 -6.23 32.63
CA PHE A 84 -8.89 -6.77 32.00
C PHE A 84 -8.57 -7.34 30.61
N LEU A 85 -7.85 -6.57 29.80
CA LEU A 85 -7.46 -7.03 28.47
C LEU A 85 -6.65 -8.33 28.54
N THR A 86 -5.83 -8.45 29.57
CA THR A 86 -5.04 -9.66 29.77
C THR A 86 -5.95 -10.81 30.15
N GLU A 87 -6.88 -10.52 31.07
CA GLU A 87 -7.82 -11.53 31.53
C GLU A 87 -8.59 -12.19 30.40
N ILE A 88 -9.07 -11.39 29.46
CA ILE A 88 -9.91 -11.90 28.39
C ILE A 88 -9.10 -12.44 27.21
N GLY A 89 -7.77 -12.37 27.33
CA GLY A 89 -6.89 -12.92 26.31
C GLY A 89 -6.67 -11.99 25.13
N TYR A 90 -7.01 -10.72 25.31
CA TYR A 90 -6.82 -9.73 24.25
C TYR A 90 -5.33 -9.40 24.19
N LEU A 91 -4.79 -9.08 25.35
CA LEU A 91 -3.37 -8.81 25.51
C LEU A 91 -2.70 -10.09 25.96
N LEU A 92 -1.82 -10.64 25.13
CA LEU A 92 -1.17 -11.92 25.43
C LEU A 92 0.27 -11.75 25.84
N PRO A 93 0.84 -12.77 26.50
CA PRO A 93 2.24 -12.71 26.93
C PRO A 93 3.18 -12.45 25.76
N GLU A 94 4.19 -11.62 25.99
CA GLU A 94 5.21 -11.33 24.99
C GLU A 94 6.26 -12.45 25.01
N PRO A 95 6.49 -13.08 23.85
CA PRO A 95 7.45 -14.19 23.73
C PRO A 95 8.89 -13.74 23.99
N ASP A 96 9.79 -14.71 24.17
CA ASP A 96 11.21 -14.41 24.34
C ASP A 96 11.84 -13.96 23.02
N ASP A 97 12.91 -13.18 23.12
CA ASP A 97 13.61 -12.71 21.94
C ASP A 97 13.85 -13.85 20.95
N PHE A 98 13.75 -13.54 19.66
CA PHE A 98 14.04 -14.49 18.60
C PHE A 98 14.47 -13.67 17.40
N THR A 99 15.01 -14.34 16.40
CA THR A 99 15.38 -13.68 15.16
C THR A 99 14.68 -14.44 14.05
N ILE A 100 14.10 -13.73 13.09
CA ILE A 100 13.40 -14.39 11.99
C ILE A 100 14.36 -15.19 11.13
N THR A 101 13.85 -16.24 10.50
CA THR A 101 14.66 -17.14 9.69
C THR A 101 14.29 -17.11 8.21
N THR A 102 13.29 -16.32 7.84
CA THR A 102 12.86 -16.20 6.46
C THR A 102 14.04 -16.19 5.49
N SER A 103 14.03 -17.07 4.50
CA SER A 103 15.14 -17.14 3.56
C SER A 103 14.68 -17.23 2.11
N GLY A 104 15.60 -17.09 1.18
CA GLY A 104 15.26 -17.15 -0.24
C GLY A 104 14.53 -15.91 -0.70
N VAL A 105 14.82 -14.78 -0.06
CA VAL A 105 14.14 -13.52 -0.36
C VAL A 105 15.02 -12.63 -1.23
N ASP A 106 14.41 -11.91 -2.17
CA ASP A 106 15.14 -11.05 -3.08
C ASP A 106 15.74 -9.82 -2.38
N ALA A 107 16.79 -9.26 -2.98
CA ALA A 107 17.50 -8.14 -2.37
C ALA A 107 16.64 -6.89 -2.23
N GLU A 108 15.66 -6.72 -3.12
CA GLU A 108 14.79 -5.56 -3.07
C GLU A 108 14.05 -5.47 -1.74
N ILE A 109 13.90 -6.62 -1.09
CA ILE A 109 13.15 -6.70 0.17
C ILE A 109 14.08 -6.77 1.38
N THR A 110 15.15 -7.56 1.27
CA THR A 110 16.05 -7.79 2.38
C THR A 110 16.97 -6.60 2.63
N THR A 111 17.39 -5.95 1.55
CA THR A 111 18.53 -5.03 1.60
C THR A 111 18.25 -3.61 1.10
N THR A 112 17.50 -3.50 0.01
CA THR A 112 17.26 -2.20 -0.60
C THR A 112 16.17 -1.41 0.11
N ALA A 113 16.54 -0.25 0.68
CA ALA A 113 15.55 0.68 1.22
C ALA A 113 15.06 1.61 0.10
N GLY A 114 13.75 1.80 0.01
CA GLY A 114 13.19 2.59 -1.07
C GLY A 114 11.68 2.52 -1.08
N PRO A 115 11.04 3.35 -1.92
CA PRO A 115 9.57 3.44 -1.94
C PRO A 115 8.91 2.14 -2.35
N GLN A 116 7.69 1.95 -1.85
CA GLN A 116 6.89 0.78 -2.17
C GLN A 116 5.56 1.29 -2.67
N LEU A 117 5.23 0.95 -3.91
CA LEU A 117 4.05 1.47 -4.58
C LEU A 117 2.89 0.49 -4.50
N VAL A 118 1.72 0.99 -4.15
CA VAL A 118 0.52 0.16 -4.08
C VAL A 118 -0.47 0.62 -5.14
N VAL A 119 -1.02 -0.33 -5.88
CA VAL A 119 -1.86 -0.01 -7.03
C VAL A 119 -3.04 -0.99 -7.12
N PRO A 120 -4.22 -0.50 -7.56
CA PRO A 120 -5.38 -1.37 -7.71
C PRO A 120 -5.14 -2.37 -8.82
N VAL A 121 -5.20 -3.65 -8.50
CA VAL A 121 -4.90 -4.67 -9.49
C VAL A 121 -5.93 -4.72 -10.63
N LEU A 122 -7.14 -4.24 -10.36
CA LEU A 122 -8.22 -4.25 -11.36
C LEU A 122 -7.98 -3.27 -12.49
N ASN A 123 -7.08 -2.31 -12.28
CA ASN A 123 -6.78 -1.34 -13.32
C ASN A 123 -5.49 -1.70 -14.04
N ALA A 124 -5.62 -2.32 -15.20
CA ALA A 124 -4.47 -2.85 -15.92
C ALA A 124 -3.44 -1.76 -16.27
N ARG A 125 -3.91 -0.59 -16.67
CA ARG A 125 -3.00 0.50 -17.02
C ARG A 125 -2.19 0.96 -15.83
N PHE A 126 -2.87 1.14 -14.70
CA PHE A 126 -2.22 1.51 -13.46
C PHE A 126 -1.22 0.44 -13.06
N ALA A 127 -1.63 -0.82 -13.13
CA ALA A 127 -0.79 -1.93 -12.72
C ALA A 127 0.48 -2.02 -13.56
N LEU A 128 0.34 -1.77 -14.86
CA LEU A 128 1.49 -1.78 -15.77
C LEU A 128 2.47 -0.66 -15.45
N ASN A 129 1.93 0.54 -15.30
CA ASN A 129 2.74 1.69 -14.96
C ASN A 129 3.49 1.45 -13.66
N ALA A 130 2.85 0.73 -12.73
CA ALA A 130 3.45 0.43 -11.44
C ALA A 130 4.62 -0.56 -11.55
N ALA A 131 4.40 -1.65 -12.28
CA ALA A 131 5.47 -2.62 -12.50
C ALA A 131 6.67 -1.93 -13.15
N ASN A 132 6.38 -0.97 -14.03
CA ASN A 132 7.41 -0.22 -14.74
C ASN A 132 7.97 0.99 -13.98
N ALA A 133 7.46 1.22 -12.79
CA ALA A 133 7.84 2.40 -12.03
C ALA A 133 9.17 2.22 -11.28
N ARG A 134 9.86 1.11 -11.52
CA ARG A 134 11.16 0.86 -10.90
C ARG A 134 12.13 1.95 -11.30
N TRP A 135 12.00 2.43 -12.53
CA TRP A 135 12.78 3.55 -13.01
C TRP A 135 11.81 4.64 -13.44
N GLY A 136 12.07 5.88 -13.02
CA GLY A 136 11.17 6.97 -13.34
C GLY A 136 11.91 8.28 -13.54
N SER A 137 11.38 9.11 -14.42
CA SER A 137 12.01 10.38 -14.76
C SER A 137 11.87 11.41 -13.64
N LEU A 138 12.99 11.82 -13.08
CA LEU A 138 12.98 12.91 -12.11
C LEU A 138 12.50 14.23 -12.72
N TYR A 139 12.89 14.50 -13.97
CA TYR A 139 12.47 15.74 -14.62
C TYR A 139 10.96 15.81 -14.74
N ASP A 140 10.34 14.71 -15.18
CA ASP A 140 8.89 14.67 -15.37
C ASP A 140 8.20 14.85 -14.03
N ALA A 141 8.73 14.20 -13.01
CA ALA A 141 8.16 14.26 -11.66
C ALA A 141 8.20 15.68 -11.10
N LEU A 142 9.26 16.42 -11.41
CA LEU A 142 9.38 17.79 -10.94
C LEU A 142 8.54 18.74 -11.80
N TYR A 143 8.70 18.64 -13.11
CA TYR A 143 7.98 19.50 -14.03
C TYR A 143 6.47 19.39 -13.86
N GLY A 144 6.00 18.16 -13.74
CA GLY A 144 4.57 17.89 -13.71
C GLY A 144 3.85 18.07 -12.39
N THR A 145 4.58 18.30 -11.31
CA THR A 145 3.93 18.43 -10.01
C THR A 145 4.20 19.81 -9.41
N ASP A 146 3.76 20.02 -8.17
CA ASP A 146 3.94 21.31 -7.52
C ASP A 146 5.26 21.39 -6.74
N VAL A 147 6.11 20.38 -6.84
CA VAL A 147 7.42 20.46 -6.22
C VAL A 147 8.16 21.69 -6.72
N ILE A 148 8.00 21.96 -8.02
CA ILE A 148 8.48 23.21 -8.61
C ILE A 148 7.31 24.17 -8.63
N PRO A 149 7.37 25.23 -7.80
CA PRO A 149 6.26 26.19 -7.71
C PRO A 149 5.91 26.79 -9.07
N GLU A 150 4.63 27.04 -9.29
CA GLU A 150 4.22 27.75 -10.49
C GLU A 150 4.23 29.25 -10.23
N THR A 151 5.35 29.74 -9.74
CA THR A 151 5.52 31.17 -9.52
C THR A 151 5.48 31.85 -10.88
N ASP A 152 5.67 33.17 -10.88
CA ASP A 152 5.62 33.92 -12.11
C ASP A 152 6.67 33.38 -13.08
N GLY A 153 6.25 33.15 -14.32
CA GLY A 153 7.14 32.66 -15.35
C GLY A 153 7.29 31.16 -15.38
N ALA A 154 7.09 30.51 -14.23
CA ALA A 154 7.30 29.07 -14.12
C ALA A 154 6.01 28.26 -14.11
N GLU A 155 4.91 28.87 -14.56
CA GLU A 155 3.64 28.15 -14.60
C GLU A 155 3.61 27.18 -15.78
N LYS A 156 2.85 26.12 -15.63
CA LYS A 156 2.66 25.16 -16.71
C LYS A 156 1.63 25.70 -17.71
N GLY A 157 1.74 25.25 -18.95
CA GLY A 157 0.81 25.62 -20.00
C GLY A 157 0.73 24.51 -21.03
N PRO A 158 0.15 24.80 -22.19
CA PRO A 158 0.08 23.80 -23.27
C PRO A 158 1.46 23.37 -23.74
N THR A 159 2.40 24.31 -23.74
CA THR A 159 3.74 24.04 -24.27
C THR A 159 4.83 24.13 -23.21
N TYR A 160 6.00 23.60 -23.55
CA TYR A 160 7.14 23.57 -22.65
C TYR A 160 7.53 24.97 -22.19
N ASN A 161 7.57 25.16 -20.88
CA ASN A 161 7.98 26.41 -20.30
C ASN A 161 9.45 26.32 -19.89
N LYS A 162 10.31 27.03 -20.61
CA LYS A 162 11.74 26.96 -20.42
C LYS A 162 12.16 27.48 -19.04
N VAL A 163 11.42 28.44 -18.53
CA VAL A 163 11.68 28.95 -17.18
C VAL A 163 11.46 27.84 -16.16
N ARG A 164 10.34 27.13 -16.30
CA ARG A 164 10.05 26.00 -15.44
C ARG A 164 11.05 24.86 -15.66
N GLY A 165 11.35 24.57 -16.92
CA GLY A 165 12.31 23.53 -17.25
C GLY A 165 13.66 23.79 -16.63
N ASP A 166 14.12 25.03 -16.68
CA ASP A 166 15.38 25.41 -16.07
C ASP A 166 15.37 25.17 -14.55
N LYS A 167 14.24 25.45 -13.91
CA LYS A 167 14.09 25.20 -12.48
C LYS A 167 14.16 23.71 -12.18
N VAL A 168 13.50 22.92 -13.01
CA VAL A 168 13.56 21.47 -12.89
C VAL A 168 15.02 21.02 -12.97
N ILE A 169 15.73 21.50 -13.98
CA ILE A 169 17.13 21.14 -14.18
C ILE A 169 17.97 21.46 -12.95
N ALA A 170 17.83 22.69 -12.45
CA ALA A 170 18.60 23.13 -11.30
C ALA A 170 18.26 22.30 -10.06
N TYR A 171 16.99 21.97 -9.89
CA TYR A 171 16.56 21.12 -8.78
C TYR A 171 17.30 19.76 -8.84
N ALA A 172 17.36 19.18 -10.03
CA ALA A 172 18.04 17.89 -10.22
C ALA A 172 19.55 17.99 -10.00
N ARG A 173 20.17 19.07 -10.49
CA ARG A 173 21.60 19.28 -10.30
C ARG A 173 21.97 19.32 -8.82
N LYS A 174 21.12 19.96 -8.02
CA LYS A 174 21.33 20.02 -6.57
C LYS A 174 21.18 18.64 -5.94
N PHE A 175 20.19 17.88 -6.40
CA PHE A 175 20.01 16.52 -5.93
C PHE A 175 21.29 15.71 -6.16
N LEU A 176 21.88 15.89 -7.33
CA LEU A 176 23.11 15.20 -7.66
C LEU A 176 24.23 15.61 -6.71
N ASP A 177 24.38 16.91 -6.50
CA ASP A 177 25.38 17.41 -5.56
C ASP A 177 25.19 16.79 -4.17
N ASP A 178 23.95 16.69 -3.72
CA ASP A 178 23.63 16.15 -2.39
C ASP A 178 23.82 14.65 -2.30
N SER A 179 23.59 13.95 -3.40
CA SER A 179 23.55 12.49 -3.38
C SER A 179 24.86 11.85 -3.79
N VAL A 180 25.52 12.45 -4.76
CA VAL A 180 26.73 11.88 -5.35
C VAL A 180 27.78 12.98 -5.57
N PRO A 181 28.24 13.58 -4.46
CA PRO A 181 29.12 14.77 -4.50
C PRO A 181 30.33 14.60 -5.42
N LEU A 182 30.65 15.64 -6.19
CA LEU A 182 31.92 15.68 -6.91
C LEU A 182 33.03 15.99 -5.91
N SER A 183 34.26 15.56 -6.22
CA SER A 183 35.39 15.89 -5.36
C SER A 183 35.48 17.40 -5.19
N SER A 184 35.28 18.11 -6.29
CA SER A 184 35.31 19.56 -6.31
C SER A 184 34.27 20.09 -7.27
N GLY A 185 33.65 21.21 -6.91
CA GLY A 185 32.69 21.85 -7.80
C GLY A 185 31.30 21.22 -7.73
N SER A 186 30.39 21.76 -8.53
CA SER A 186 29.01 21.29 -8.52
C SER A 186 28.59 20.75 -9.88
N PHE A 187 27.68 19.78 -9.87
CA PHE A 187 27.08 19.29 -11.10
C PHE A 187 26.42 20.41 -11.89
N GLY A 188 26.05 21.49 -11.20
CA GLY A 188 25.44 22.63 -11.86
C GLY A 188 26.32 23.18 -12.96
N ASP A 189 27.62 22.97 -12.82
CA ASP A 189 28.61 23.57 -13.70
C ASP A 189 29.28 22.54 -14.60
N ALA A 190 28.74 21.33 -14.61
CA ALA A 190 29.26 20.28 -15.47
C ALA A 190 29.10 20.65 -16.94
N THR A 191 30.13 20.40 -17.74
CA THR A 191 30.03 20.58 -19.18
C THR A 191 30.12 19.25 -19.92
N GLY A 192 30.54 18.20 -19.21
CA GLY A 192 30.60 16.89 -19.84
C GLY A 192 30.98 15.75 -18.90
N PHE A 193 30.74 14.53 -19.37
CA PHE A 193 31.07 13.33 -18.61
C PHE A 193 31.86 12.37 -19.50
N THR A 194 32.92 11.79 -18.96
CA THR A 194 33.63 10.73 -19.66
C THR A 194 34.09 9.65 -18.67
N VAL A 195 34.52 8.52 -19.22
CA VAL A 195 35.08 7.44 -18.41
C VAL A 195 36.52 7.20 -18.84
N GLN A 196 37.44 7.43 -17.91
CA GLN A 196 38.86 7.28 -18.20
C GLN A 196 39.45 6.27 -17.25
N ASP A 197 40.12 5.25 -17.79
CA ASP A 197 40.73 4.21 -16.97
C ASP A 197 39.76 3.73 -15.89
N GLY A 198 38.52 3.44 -16.28
CA GLY A 198 37.53 2.93 -15.35
C GLY A 198 37.01 3.95 -14.36
N GLN A 199 37.24 5.24 -14.66
CA GLN A 199 36.89 6.29 -13.72
C GLN A 199 35.98 7.35 -14.35
N LEU A 200 34.95 7.75 -13.61
CA LEU A 200 34.07 8.82 -14.05
C LEU A 200 34.79 10.16 -13.93
N VAL A 201 34.90 10.85 -15.05
CA VAL A 201 35.48 12.19 -15.04
C VAL A 201 34.43 13.23 -15.46
N VAL A 202 34.18 14.19 -14.58
CA VAL A 202 33.21 15.25 -14.85
C VAL A 202 33.92 16.53 -15.25
N ALA A 203 33.64 17.02 -16.45
CA ALA A 203 34.26 18.24 -16.94
C ALA A 203 33.56 19.48 -16.39
N LEU A 204 34.35 20.36 -15.78
CA LEU A 204 33.88 21.66 -15.31
C LEU A 204 34.51 22.72 -16.21
N PRO A 205 34.04 23.97 -16.12
CA PRO A 205 34.52 24.98 -17.07
C PRO A 205 36.03 25.18 -17.00
N ASP A 206 36.56 25.16 -15.78
CA ASP A 206 37.97 25.47 -15.53
C ASP A 206 38.84 24.22 -15.39
N LYS A 207 38.26 23.12 -14.94
CA LYS A 207 39.01 21.87 -14.81
C LYS A 207 38.09 20.65 -14.87
N SER A 208 38.66 19.47 -14.55
CA SER A 208 37.87 18.24 -14.46
C SER A 208 37.97 17.65 -13.05
N THR A 209 36.95 16.91 -12.65
CA THR A 209 36.90 16.33 -11.32
C THR A 209 36.31 14.91 -11.32
N GLY A 210 36.55 14.17 -10.24
CA GLY A 210 35.96 12.85 -10.08
C GLY A 210 34.94 12.89 -8.96
N LEU A 211 34.33 11.75 -8.67
CA LEU A 211 33.40 11.65 -7.54
C LEU A 211 34.17 11.64 -6.23
N ALA A 212 33.58 12.27 -5.20
CA ALA A 212 34.17 12.25 -3.87
C ALA A 212 34.24 10.81 -3.37
N ASN A 213 33.30 9.98 -3.81
CA ASN A 213 33.34 8.55 -3.56
C ASN A 213 33.23 7.80 -4.88
N PRO A 214 34.38 7.43 -5.46
CA PRO A 214 34.41 6.77 -6.77
C PRO A 214 33.58 5.49 -6.78
N GLY A 215 33.33 4.93 -5.60
CA GLY A 215 32.53 3.73 -5.49
C GLY A 215 31.10 3.95 -5.94
N GLN A 216 30.69 5.21 -6.03
CA GLN A 216 29.32 5.54 -6.42
C GLN A 216 29.11 5.47 -7.93
N PHE A 217 30.20 5.30 -8.66
CA PHE A 217 30.11 5.18 -10.11
C PHE A 217 29.81 3.72 -10.45
N ALA A 218 28.64 3.45 -11.00
CA ALA A 218 28.18 2.07 -11.19
C ALA A 218 28.34 1.59 -12.63
N GLY A 219 28.30 2.52 -13.57
CA GLY A 219 28.43 2.15 -14.97
C GLY A 219 28.04 3.27 -15.91
N TYR A 220 27.95 2.95 -17.18
CA TYR A 220 27.59 3.93 -18.18
C TYR A 220 27.03 3.20 -19.39
N THR A 221 26.51 3.96 -20.35
CA THR A 221 26.13 3.39 -21.63
C THR A 221 26.80 4.20 -22.74
N GLY A 222 26.88 3.62 -23.93
CA GLY A 222 27.53 4.27 -25.05
C GLY A 222 29.05 4.23 -24.90
N ALA A 223 29.73 5.01 -25.72
CA ALA A 223 31.19 5.04 -25.68
C ALA A 223 31.71 5.64 -24.39
N ALA A 224 32.76 5.06 -23.84
CA ALA A 224 33.38 5.56 -22.62
C ALA A 224 33.85 7.02 -22.77
N GLU A 225 34.26 7.38 -23.97
CA GLU A 225 34.78 8.72 -24.25
C GLU A 225 33.70 9.80 -24.27
N SER A 226 32.49 9.42 -24.66
CA SER A 226 31.34 10.31 -24.55
C SER A 226 30.06 9.49 -24.36
N PRO A 227 29.82 9.06 -23.12
CA PRO A 227 28.71 8.14 -22.81
C PRO A 227 27.36 8.72 -23.19
N THR A 228 26.40 7.86 -23.52
CA THR A 228 25.03 8.30 -23.72
C THR A 228 24.32 8.43 -22.37
N SER A 229 24.93 7.85 -21.33
CA SER A 229 24.40 7.99 -19.98
C SER A 229 25.41 7.52 -18.94
N VAL A 230 25.23 8.01 -17.72
CA VAL A 230 26.10 7.65 -16.62
C VAL A 230 25.27 7.15 -15.48
N LEU A 231 25.70 6.02 -14.92
CA LEU A 231 24.94 5.35 -13.87
C LEU A 231 25.66 5.40 -12.53
N LEU A 232 24.97 5.98 -11.54
CA LEU A 232 25.52 6.10 -10.20
C LEU A 232 24.66 5.32 -9.22
N ILE A 233 25.25 5.03 -8.07
CA ILE A 233 24.51 4.35 -7.02
C ILE A 233 24.77 5.06 -5.70
N ASN A 234 23.74 5.13 -4.87
CA ASN A 234 23.83 5.77 -3.58
C ASN A 234 22.80 5.17 -2.64
N HIS A 235 23.25 4.73 -1.47
CA HIS A 235 22.39 4.02 -0.53
C HIS A 235 21.69 2.85 -1.21
N GLY A 236 22.39 2.22 -2.15
CA GLY A 236 21.87 1.06 -2.84
C GLY A 236 20.87 1.37 -3.95
N LEU A 237 20.59 2.66 -4.17
CA LEU A 237 19.63 3.05 -5.20
C LEU A 237 20.33 3.72 -6.36
N HIS A 238 19.89 3.39 -7.58
CA HIS A 238 20.54 3.88 -8.79
C HIS A 238 20.01 5.21 -9.29
N ILE A 239 20.91 5.96 -9.90
CA ILE A 239 20.64 7.27 -10.47
C ILE A 239 21.28 7.25 -11.84
N GLU A 240 20.51 7.60 -12.87
CA GLU A 240 21.08 7.61 -14.20
C GLU A 240 20.97 8.98 -14.86
N ILE A 241 22.11 9.49 -15.29
CA ILE A 241 22.14 10.76 -16.01
C ILE A 241 22.10 10.49 -17.49
N LEU A 242 21.02 10.91 -18.14
CA LEU A 242 20.87 10.73 -19.58
C LEU A 242 21.52 11.89 -20.30
N ILE A 243 22.47 11.56 -21.17
CA ILE A 243 23.25 12.56 -21.87
C ILE A 243 22.90 12.59 -23.35
N ASP A 244 22.16 13.61 -23.77
CA ASP A 244 21.73 13.72 -25.16
C ASP A 244 21.60 15.16 -25.61
N PRO A 245 22.70 15.76 -26.05
CA PRO A 245 22.75 17.15 -26.50
C PRO A 245 21.82 17.45 -27.68
N GLU A 246 21.42 16.41 -28.41
CA GLU A 246 20.55 16.61 -29.57
C GLU A 246 19.09 16.79 -29.18
N SER A 247 18.76 16.39 -27.96
CA SER A 247 17.37 16.46 -27.49
C SER A 247 16.96 17.90 -27.22
N GLN A 248 15.64 18.12 -27.12
CA GLN A 248 15.10 19.42 -26.80
C GLN A 248 15.74 20.00 -25.53
N VAL A 249 15.58 19.29 -24.42
CA VAL A 249 16.13 19.73 -23.15
C VAL A 249 17.66 19.68 -23.18
N GLY A 250 18.20 18.64 -23.78
CA GLY A 250 19.64 18.48 -23.91
C GLY A 250 20.32 19.66 -24.58
N THR A 251 19.75 20.17 -25.66
CA THR A 251 20.36 21.27 -26.41
C THR A 251 20.55 22.51 -25.55
N THR A 252 19.70 22.68 -24.54
CA THR A 252 19.75 23.86 -23.69
C THR A 252 20.63 23.63 -22.46
N ASP A 253 20.86 22.36 -22.14
CA ASP A 253 21.61 22.02 -20.93
C ASP A 253 23.10 22.26 -21.10
N ARG A 254 23.74 22.77 -20.05
CA ARG A 254 25.17 23.07 -20.06
C ARG A 254 26.05 21.84 -20.32
N ALA A 255 25.53 20.66 -20.02
CA ALA A 255 26.28 19.44 -20.23
C ALA A 255 25.57 18.51 -21.20
N GLY A 256 24.52 19.03 -21.83
CA GLY A 256 23.74 18.24 -22.77
C GLY A 256 22.91 17.17 -22.08
N VAL A 257 22.66 17.32 -20.79
CA VAL A 257 21.87 16.34 -20.05
C VAL A 257 20.40 16.45 -20.43
N LYS A 258 19.79 15.32 -20.75
CA LYS A 258 18.40 15.29 -21.15
C LYS A 258 17.47 15.01 -19.98
N ASP A 259 17.91 14.19 -19.04
CA ASP A 259 17.07 13.81 -17.92
C ASP A 259 17.90 13.12 -16.85
N VAL A 260 17.33 13.04 -15.66
CA VAL A 260 17.90 12.25 -14.58
C VAL A 260 16.86 11.22 -14.17
N ILE A 261 17.25 9.95 -14.23
CA ILE A 261 16.34 8.84 -13.96
C ILE A 261 16.64 8.25 -12.60
N LEU A 262 15.60 8.06 -11.81
CA LEU A 262 15.77 7.51 -10.48
C LEU A 262 15.16 6.12 -10.38
N GLU A 263 15.91 5.20 -9.79
CA GLU A 263 15.29 3.96 -9.34
C GLU A 263 14.31 4.37 -8.25
N SER A 264 13.04 4.04 -8.45
CA SER A 264 11.96 4.59 -7.62
C SER A 264 11.21 3.51 -6.86
N ALA A 265 10.22 2.92 -7.51
CA ALA A 265 9.41 1.89 -6.87
C ALA A 265 10.15 0.56 -6.92
N ILE A 266 10.93 0.28 -5.89
CA ILE A 266 11.73 -0.94 -5.82
C ILE A 266 10.84 -2.18 -5.80
N THR A 267 9.76 -2.08 -5.02
CA THR A 267 8.75 -3.12 -4.98
C THR A 267 7.38 -2.47 -5.15
N THR A 268 6.46 -3.25 -5.70
CA THR A 268 5.10 -2.78 -5.88
C THR A 268 4.16 -3.82 -5.35
N ILE A 269 3.05 -3.36 -4.79
CA ILE A 269 2.03 -4.24 -4.28
C ILE A 269 0.78 -4.12 -5.14
N MET A 270 0.45 -5.20 -5.85
CA MET A 270 -0.76 -5.29 -6.63
C MET A 270 -1.90 -5.64 -5.69
N ASP A 271 -2.84 -4.71 -5.55
CA ASP A 271 -3.81 -4.74 -4.47
C ASP A 271 -5.14 -5.37 -4.85
N PHE A 272 -5.51 -6.43 -4.14
CA PHE A 272 -6.85 -6.99 -4.27
C PHE A 272 -7.76 -6.49 -3.15
N GLU A 273 -7.20 -5.71 -2.23
CA GLU A 273 -7.95 -5.34 -1.02
C GLU A 273 -8.54 -3.94 -1.06
N ASP A 274 -8.04 -3.04 -0.24
CA ASP A 274 -8.77 -1.81 0.05
C ASP A 274 -8.93 -0.80 -1.09
N SER A 275 -8.08 -0.90 -2.11
CA SER A 275 -8.17 0.05 -3.22
C SER A 275 -8.96 -0.48 -4.41
N VAL A 276 -9.55 -1.66 -4.28
CA VAL A 276 -10.40 -2.19 -5.35
C VAL A 276 -11.80 -2.55 -4.87
N ALA A 277 -12.74 -2.54 -5.80
CA ALA A 277 -14.10 -2.96 -5.52
C ALA A 277 -14.36 -4.24 -6.31
N ALA A 278 -14.42 -5.37 -5.62
CA ALA A 278 -14.63 -6.66 -6.27
C ALA A 278 -15.56 -7.50 -5.43
N VAL A 279 -16.82 -7.59 -5.84
CA VAL A 279 -17.86 -8.13 -4.97
C VAL A 279 -18.44 -9.43 -5.47
N ASP A 280 -17.89 -9.96 -6.55
CA ASP A 280 -18.37 -11.22 -7.11
C ASP A 280 -17.30 -11.86 -7.98
N ALA A 281 -17.65 -12.97 -8.61
CA ALA A 281 -16.68 -13.74 -9.38
C ALA A 281 -16.16 -12.94 -10.57
N ALA A 282 -17.04 -12.23 -11.24
CA ALA A 282 -16.61 -11.46 -12.41
C ALA A 282 -15.55 -10.45 -12.02
N ASP A 283 -15.76 -9.73 -10.92
CA ASP A 283 -14.78 -8.75 -10.46
C ASP A 283 -13.45 -9.43 -10.12
N LYS A 284 -13.52 -10.54 -9.39
CA LYS A 284 -12.32 -11.24 -8.93
C LYS A 284 -11.48 -11.69 -10.11
N VAL A 285 -12.15 -12.24 -11.12
CA VAL A 285 -11.47 -12.78 -12.29
C VAL A 285 -10.74 -11.68 -13.06
N LEU A 286 -11.34 -10.50 -13.13
CA LEU A 286 -10.69 -9.35 -13.76
C LEU A 286 -9.37 -9.06 -13.05
N GLY A 287 -9.41 -9.11 -11.72
CA GLY A 287 -8.22 -8.89 -10.92
C GLY A 287 -7.22 -10.02 -11.11
N TYR A 288 -7.68 -11.25 -10.93
CA TYR A 288 -6.80 -12.41 -11.11
C TYR A 288 -6.14 -12.39 -12.49
N ARG A 289 -6.89 -11.99 -13.51
CA ARG A 289 -6.35 -11.97 -14.87
C ARG A 289 -5.20 -10.97 -15.04
N ASN A 290 -5.34 -9.79 -14.44
CA ASN A 290 -4.27 -8.79 -14.48
C ASN A 290 -3.04 -9.27 -13.72
N TRP A 291 -3.27 -9.84 -12.54
CA TRP A 291 -2.21 -10.45 -11.76
C TRP A 291 -1.47 -11.49 -12.61
N LEU A 292 -2.23 -12.28 -13.37
CA LEU A 292 -1.66 -13.31 -14.25
C LEU A 292 -0.83 -12.71 -15.39
N GLY A 293 -1.36 -11.69 -16.05
CA GLY A 293 -0.66 -11.03 -17.13
C GLY A 293 0.62 -10.37 -16.65
N LEU A 294 0.64 -9.93 -15.39
CA LEU A 294 1.83 -9.32 -14.83
C LEU A 294 2.89 -10.39 -14.59
N ASN A 295 2.46 -11.53 -14.08
CA ASN A 295 3.38 -12.62 -13.77
C ASN A 295 3.90 -13.35 -15.00
N LYS A 296 3.07 -13.44 -16.03
CA LYS A 296 3.50 -14.05 -17.29
C LYS A 296 4.25 -13.05 -18.16
N GLY A 297 4.19 -11.78 -17.79
CA GLY A 297 4.93 -10.76 -18.49
C GLY A 297 4.30 -10.32 -19.80
N ASP A 298 3.04 -10.66 -20.02
CA ASP A 298 2.40 -10.31 -21.28
C ASP A 298 1.23 -9.34 -21.15
N LEU A 299 1.03 -8.79 -19.95
CA LEU A 299 -0.03 -7.81 -19.76
C LEU A 299 0.27 -6.60 -20.64
N ALA A 300 -0.74 -6.14 -21.38
CA ALA A 300 -0.55 -5.04 -22.32
C ALA A 300 -1.81 -4.18 -22.51
N ALA A 301 -1.63 -2.86 -22.41
CA ALA A 301 -2.68 -1.91 -22.73
C ALA A 301 -2.36 -1.26 -24.08
N ARG A 312 1.06 -0.23 -24.54
CA ARG A 312 1.99 -0.22 -23.41
C ARG A 312 2.24 -1.60 -22.79
N VAL A 313 3.51 -1.88 -22.48
CA VAL A 313 3.91 -3.20 -22.01
C VAL A 313 4.95 -3.14 -20.88
N LEU A 314 5.27 -4.31 -20.32
CA LEU A 314 6.23 -4.40 -19.21
C LEU A 314 7.67 -4.20 -19.67
N ASN A 315 8.45 -3.48 -18.88
CA ASN A 315 9.85 -3.22 -19.20
C ASN A 315 10.78 -4.44 -19.11
N ARG A 316 11.80 -4.45 -19.96
CA ARG A 316 12.84 -5.46 -19.90
C ARG A 316 13.96 -4.93 -19.01
N ASP A 317 14.91 -5.80 -18.65
CA ASP A 317 16.05 -5.36 -17.84
C ASP A 317 16.91 -4.34 -18.59
N ARG A 318 17.72 -3.60 -17.84
CA ARG A 318 18.54 -2.52 -18.40
C ARG A 318 20.01 -2.92 -18.56
N ASN A 319 20.56 -2.68 -19.74
CA ASN A 319 21.96 -2.99 -20.04
C ASN A 319 22.91 -1.86 -19.68
N TYR A 320 24.00 -2.20 -19.00
CA TYR A 320 25.04 -1.22 -18.69
C TYR A 320 26.43 -1.76 -18.96
N THR A 321 27.38 -0.85 -19.10
CA THR A 321 28.78 -1.18 -19.16
C THR A 321 29.37 -0.82 -17.80
N ALA A 322 30.05 -1.78 -17.18
CA ALA A 322 30.65 -1.53 -15.87
C ALA A 322 31.80 -0.54 -16.03
N PRO A 323 32.18 0.14 -14.93
CA PRO A 323 33.31 1.08 -15.02
C PRO A 323 34.51 0.46 -15.75
N GLY A 324 34.79 -0.81 -15.47
CA GLY A 324 35.93 -1.51 -16.04
C GLY A 324 35.81 -1.88 -17.51
N GLY A 325 34.61 -1.79 -18.08
CA GLY A 325 34.43 -2.04 -19.51
C GLY A 325 33.60 -3.26 -19.87
N GLY A 326 33.35 -4.13 -18.90
CA GLY A 326 32.50 -5.30 -19.11
C GLY A 326 31.01 -4.98 -19.07
N GLN A 327 30.17 -5.99 -19.29
CA GLN A 327 28.72 -5.77 -19.36
C GLN A 327 28.00 -6.32 -18.13
N PHE A 328 26.94 -5.63 -17.73
CA PHE A 328 26.01 -6.16 -16.73
C PHE A 328 24.59 -5.62 -16.96
N THR A 329 23.63 -6.12 -16.20
CA THR A 329 22.24 -5.69 -16.31
C THR A 329 21.68 -5.37 -14.95
N LEU A 330 20.61 -4.58 -14.93
CA LEU A 330 19.86 -4.29 -13.71
C LEU A 330 18.38 -4.56 -13.93
N PRO A 331 17.65 -4.94 -12.87
CA PRO A 331 16.21 -5.19 -13.00
C PRO A 331 15.46 -3.98 -13.56
N GLY A 332 14.64 -4.20 -14.58
CA GLY A 332 13.88 -3.12 -15.18
C GLY A 332 12.50 -2.98 -14.57
N ARG A 333 12.10 -3.95 -13.76
CA ARG A 333 10.77 -3.94 -13.20
C ARG A 333 10.79 -3.89 -11.67
N SER A 334 9.71 -3.35 -11.11
CA SER A 334 9.46 -3.34 -9.69
C SER A 334 9.19 -4.78 -9.25
N LEU A 335 9.80 -5.22 -8.16
CA LEU A 335 9.52 -6.55 -7.63
C LEU A 335 8.11 -6.56 -7.06
N MET A 336 7.30 -7.53 -7.48
CA MET A 336 5.86 -7.49 -7.20
C MET A 336 5.43 -8.30 -5.99
N PHE A 337 4.63 -7.67 -5.13
CA PHE A 337 3.87 -8.35 -4.09
C PHE A 337 2.45 -8.44 -4.61
N VAL A 338 1.64 -9.30 -4.01
CA VAL A 338 0.21 -9.21 -4.23
C VAL A 338 -0.46 -9.11 -2.87
N ARG A 339 -1.39 -8.16 -2.71
CA ARG A 339 -2.14 -8.12 -1.46
C ARG A 339 -3.48 -8.82 -1.54
N ASN A 340 -3.60 -9.92 -0.80
CA ASN A 340 -4.85 -10.66 -0.66
C ASN A 340 -5.79 -9.91 0.27
N VAL A 341 -7.09 -10.20 0.22
CA VAL A 341 -7.98 -9.67 1.24
C VAL A 341 -7.76 -10.45 2.55
N GLY A 342 -8.26 -9.89 3.65
CA GLY A 342 -8.07 -10.47 4.97
C GLY A 342 -9.13 -11.51 5.33
N HIS A 343 -9.20 -11.86 6.62
CA HIS A 343 -9.99 -13.01 7.06
C HIS A 343 -11.51 -12.82 7.07
N LEU A 344 -11.97 -11.57 6.97
CA LEU A 344 -13.38 -11.28 7.28
C LEU A 344 -14.38 -11.77 6.25
N MET A 345 -14.17 -11.38 5.00
CA MET A 345 -15.24 -11.47 4.01
C MET A 345 -15.36 -12.82 3.33
N THR A 346 -16.59 -13.15 2.95
CA THR A 346 -16.85 -14.25 2.05
C THR A 346 -17.20 -13.64 0.70
N ASN A 347 -17.11 -14.45 -0.36
CA ASN A 347 -17.47 -14.01 -1.70
C ASN A 347 -18.21 -15.16 -2.38
N ASP A 348 -19.22 -14.84 -3.17
CA ASP A 348 -20.03 -15.90 -3.76
C ASP A 348 -19.43 -16.45 -5.05
N ALA A 349 -18.20 -16.03 -5.36
CA ALA A 349 -17.46 -16.64 -6.45
C ALA A 349 -17.44 -18.16 -6.23
N ILE A 350 -17.40 -18.56 -4.96
CA ILE A 350 -17.61 -19.96 -4.61
C ILE A 350 -18.58 -20.03 -3.43
N VAL A 351 -19.53 -20.95 -3.51
CA VAL A 351 -20.43 -21.22 -2.40
C VAL A 351 -20.43 -22.72 -2.14
N ASP A 352 -20.80 -23.10 -0.92
CA ASP A 352 -20.84 -24.52 -0.61
C ASP A 352 -22.22 -25.06 -0.93
N THR A 353 -22.43 -26.34 -0.66
CA THR A 353 -23.70 -26.98 -0.94
C THR A 353 -24.89 -26.22 -0.39
N ASP A 354 -24.75 -25.70 0.83
CA ASP A 354 -25.84 -25.02 1.52
C ASP A 354 -26.05 -23.58 1.05
N GLY A 355 -25.24 -23.14 0.10
CA GLY A 355 -25.35 -21.79 -0.43
C GLY A 355 -24.51 -20.78 0.35
N SER A 356 -23.74 -21.27 1.32
CA SER A 356 -22.86 -20.41 2.10
C SER A 356 -21.67 -19.96 1.25
N GLU A 357 -21.42 -18.64 1.22
CA GLU A 357 -20.29 -18.10 0.49
C GLU A 357 -18.99 -18.57 1.11
N VAL A 358 -17.94 -18.70 0.30
CA VAL A 358 -16.65 -19.17 0.79
C VAL A 358 -15.77 -17.98 1.18
N PHE A 359 -14.94 -18.16 2.21
CA PHE A 359 -14.04 -17.09 2.67
C PHE A 359 -13.12 -16.62 1.56
N GLU A 360 -13.12 -15.31 1.34
CA GLU A 360 -12.41 -14.73 0.20
C GLU A 360 -10.90 -14.82 0.39
N GLY A 361 -10.43 -14.62 1.62
CA GLY A 361 -9.02 -14.71 1.91
C GLY A 361 -8.45 -16.07 1.59
N ILE A 362 -9.21 -17.12 1.90
CA ILE A 362 -8.76 -18.46 1.58
C ILE A 362 -8.65 -18.59 0.07
N MET A 363 -9.64 -18.07 -0.64
CA MET A 363 -9.64 -18.14 -2.09
C MET A 363 -8.45 -17.39 -2.69
N ASP A 364 -8.20 -16.19 -2.18
CA ASP A 364 -7.09 -15.38 -2.66
C ASP A 364 -5.75 -16.12 -2.54
N ALA A 365 -5.51 -16.76 -1.40
CA ALA A 365 -4.25 -17.47 -1.20
C ALA A 365 -4.05 -18.55 -2.27
N LEU A 366 -5.09 -19.31 -2.53
CA LEU A 366 -5.06 -20.35 -3.55
C LEU A 366 -4.84 -19.79 -4.95
N PHE A 367 -5.65 -18.81 -5.33
CA PHE A 367 -5.63 -18.30 -6.70
C PHE A 367 -4.48 -17.33 -7.01
N THR A 368 -4.18 -16.39 -6.12
CA THR A 368 -3.04 -15.53 -6.35
C THR A 368 -1.74 -16.32 -6.20
N GLY A 369 -1.75 -17.30 -5.30
CA GLY A 369 -0.62 -18.19 -5.14
C GLY A 369 -0.36 -19.01 -6.40
N LEU A 370 -1.41 -19.67 -6.89
CA LEU A 370 -1.29 -20.39 -8.16
C LEU A 370 -0.73 -19.46 -9.22
N ILE A 371 -1.36 -18.30 -9.38
CA ILE A 371 -0.98 -17.37 -10.44
C ILE A 371 0.46 -16.92 -10.29
N ALA A 372 0.92 -16.76 -9.06
CA ALA A 372 2.26 -16.26 -8.81
C ALA A 372 3.34 -17.22 -9.32
N ILE A 373 2.98 -18.48 -9.53
CA ILE A 373 3.97 -19.45 -10.00
C ILE A 373 4.57 -19.01 -11.34
N HIS A 374 3.76 -18.38 -12.18
CA HIS A 374 4.23 -17.93 -13.50
C HIS A 374 5.36 -16.91 -13.40
N GLY A 375 5.37 -16.12 -12.34
CA GLY A 375 6.39 -15.10 -12.15
C GLY A 375 7.73 -15.71 -11.72
N LEU A 376 7.73 -17.02 -11.49
CA LEU A 376 8.95 -17.72 -11.09
C LEU A 376 9.62 -18.41 -12.26
N LYS A 377 9.08 -18.22 -13.46
CA LYS A 377 9.57 -18.94 -14.63
C LYS A 377 9.54 -18.08 -15.89
N ALA A 378 10.36 -18.47 -16.87
CA ALA A 378 10.52 -17.72 -18.12
C ALA A 378 9.22 -17.58 -18.90
N SER A 379 9.09 -16.44 -19.57
CA SER A 379 7.85 -16.06 -20.25
C SER A 379 8.12 -15.52 -21.65
N ASP A 380 8.55 -16.39 -22.55
CA ASP A 380 8.40 -16.20 -23.98
C ASP A 380 7.19 -15.30 -24.18
N GLY A 383 11.11 -14.74 -22.82
CA GLY A 383 11.83 -13.66 -22.16
C GLY A 383 12.06 -14.16 -20.74
N PRO A 384 13.09 -13.64 -20.06
CA PRO A 384 13.41 -14.10 -18.70
C PRO A 384 12.20 -14.07 -17.76
N LEU A 385 12.21 -14.90 -16.73
CA LEU A 385 11.16 -14.90 -15.72
C LEU A 385 11.00 -13.49 -15.16
N ILE A 386 9.77 -13.06 -14.95
CA ILE A 386 9.57 -11.65 -14.64
C ILE A 386 9.79 -11.25 -13.17
N ASN A 387 9.50 -12.15 -12.22
CA ASN A 387 9.54 -11.72 -10.81
C ASN A 387 10.70 -12.27 -9.98
N SER A 388 10.40 -13.10 -8.98
CA SER A 388 11.41 -13.53 -8.02
C SER A 388 12.40 -14.55 -8.57
N ARG A 389 13.68 -14.16 -8.61
CA ARG A 389 14.74 -15.06 -9.07
C ARG A 389 15.20 -16.00 -7.97
N THR A 390 14.89 -15.69 -6.72
CA THR A 390 15.28 -16.53 -5.59
C THR A 390 14.21 -17.56 -5.24
N GLY A 391 13.05 -17.47 -5.89
CA GLY A 391 12.05 -18.51 -5.77
C GLY A 391 10.92 -18.22 -4.77
N SER A 392 10.70 -16.96 -4.44
CA SER A 392 9.67 -16.60 -3.46
C SER A 392 8.42 -16.00 -4.10
N ILE A 393 7.30 -16.18 -3.41
CA ILE A 393 6.06 -15.52 -3.76
C ILE A 393 5.70 -14.61 -2.60
N TYR A 394 5.41 -13.35 -2.90
CA TYR A 394 5.26 -12.36 -1.85
C TYR A 394 3.82 -11.90 -1.68
N ILE A 395 3.21 -12.27 -0.56
CA ILE A 395 1.82 -11.95 -0.34
C ILE A 395 1.64 -11.06 0.89
N VAL A 396 0.93 -9.95 0.71
CA VAL A 396 0.57 -9.10 1.84
C VAL A 396 -0.76 -9.58 2.40
N LYS A 397 -0.83 -9.73 3.72
CA LYS A 397 -2.06 -10.14 4.40
C LYS A 397 -2.49 -9.02 5.33
N PRO A 398 -3.61 -8.35 5.00
CA PRO A 398 -4.08 -7.20 5.77
C PRO A 398 -5.02 -7.59 6.91
N LYS A 399 -5.27 -6.64 7.80
CA LYS A 399 -6.35 -6.71 8.77
C LYS A 399 -6.37 -7.94 9.69
N MET A 400 -5.19 -8.45 10.04
CA MET A 400 -5.14 -9.53 11.01
C MET A 400 -5.21 -8.99 12.44
N HIS A 401 -5.89 -9.74 13.32
CA HIS A 401 -6.02 -9.36 14.71
C HIS A 401 -5.33 -10.36 15.61
N GLY A 402 -4.05 -10.14 15.90
CA GLY A 402 -3.36 -10.96 16.87
C GLY A 402 -2.66 -12.17 16.29
N PRO A 403 -1.82 -12.81 17.11
CA PRO A 403 -0.92 -13.90 16.73
C PRO A 403 -1.66 -15.15 16.24
N ALA A 404 -2.81 -15.47 16.83
CA ALA A 404 -3.53 -16.65 16.39
C ALA A 404 -4.00 -16.48 14.96
N GLU A 405 -4.35 -15.25 14.59
CA GLU A 405 -4.76 -14.97 13.22
C GLU A 405 -3.57 -15.04 12.24
N VAL A 406 -2.40 -14.63 12.70
CA VAL A 406 -1.19 -14.75 11.89
C VAL A 406 -0.81 -16.21 11.67
N ALA A 407 -0.85 -17.00 12.75
CA ALA A 407 -0.57 -18.42 12.66
C ALA A 407 -1.53 -19.06 11.68
N PHE A 408 -2.78 -18.63 11.72
CA PHE A 408 -3.77 -19.15 10.79
C PHE A 408 -3.37 -18.86 9.36
N THR A 409 -2.97 -17.63 9.07
CA THR A 409 -2.54 -17.28 7.72
C THR A 409 -1.38 -18.16 7.26
N CYS A 410 -0.42 -18.39 8.15
CA CYS A 410 0.74 -19.22 7.82
C CYS A 410 0.34 -20.66 7.52
N GLU A 411 -0.62 -21.17 8.30
CA GLU A 411 -1.11 -22.51 8.09
C GLU A 411 -1.81 -22.59 6.74
N LEU A 412 -2.60 -21.56 6.43
CA LEU A 412 -3.24 -21.46 5.13
C LEU A 412 -2.22 -21.52 3.99
N PHE A 413 -1.16 -20.71 4.09
CA PHE A 413 -0.13 -20.68 3.07
C PHE A 413 0.54 -22.04 2.96
N SER A 414 0.80 -22.67 4.11
CA SER A 414 1.40 -24.00 4.16
C SER A 414 0.56 -25.02 3.40
N ARG A 415 -0.74 -25.02 3.68
CA ARG A 415 -1.66 -25.90 2.98
C ARG A 415 -1.72 -25.59 1.49
N VAL A 416 -1.71 -24.29 1.14
CA VAL A 416 -1.77 -23.90 -0.27
C VAL A 416 -0.51 -24.35 -1.02
N GLU A 417 0.65 -24.19 -0.39
CA GLU A 417 1.89 -24.65 -0.99
C GLU A 417 1.84 -26.14 -1.31
N ASP A 418 1.27 -26.92 -0.40
CA ASP A 418 1.08 -28.35 -0.62
C ASP A 418 0.21 -28.60 -1.84
N VAL A 419 -0.89 -27.86 -1.96
CA VAL A 419 -1.77 -28.01 -3.11
C VAL A 419 -1.06 -27.57 -4.41
N LEU A 420 -0.22 -26.56 -4.29
CA LEU A 420 0.47 -26.00 -5.44
C LEU A 420 1.76 -26.76 -5.77
N GLY A 421 2.15 -27.69 -4.91
CA GLY A 421 3.37 -28.45 -5.14
C GLY A 421 4.59 -27.56 -5.02
N LEU A 422 4.47 -26.52 -4.21
CA LEU A 422 5.58 -25.61 -3.98
C LEU A 422 6.31 -26.00 -2.71
N PRO A 423 7.63 -25.76 -2.68
CA PRO A 423 8.41 -25.94 -1.46
C PRO A 423 7.73 -25.20 -0.32
N GLN A 424 7.77 -25.76 0.88
CA GLN A 424 7.21 -25.06 2.03
C GLN A 424 7.94 -23.72 2.20
N ASN A 425 7.19 -22.70 2.61
CA ASN A 425 7.72 -21.35 2.87
C ASN A 425 8.03 -20.54 1.61
N THR A 426 7.58 -21.02 0.45
CA THR A 426 7.68 -20.27 -0.79
C THR A 426 6.86 -18.99 -0.69
N MET A 427 5.67 -19.11 -0.12
CA MET A 427 4.77 -17.98 0.03
C MET A 427 5.15 -17.18 1.25
N LYS A 428 5.72 -16.01 0.99
CA LYS A 428 6.21 -15.13 2.03
C LYS A 428 5.09 -14.18 2.42
N ILE A 429 5.14 -13.64 3.62
CA ILE A 429 4.06 -12.80 4.08
C ILE A 429 4.50 -11.40 4.50
N GLY A 430 3.86 -10.40 3.93
CA GLY A 430 4.02 -9.04 4.41
C GLY A 430 2.87 -8.79 5.37
N ILE A 431 3.20 -8.54 6.63
CA ILE A 431 2.20 -8.39 7.68
C ILE A 431 1.85 -6.93 7.85
N MET A 432 0.58 -6.59 7.65
CA MET A 432 0.10 -5.28 8.02
C MET A 432 -0.12 -5.23 9.52
N ASP A 433 0.49 -4.25 10.18
CA ASP A 433 0.18 -3.93 11.56
C ASP A 433 -0.83 -2.80 11.46
N GLU A 434 -2.10 -3.15 11.40
CA GLU A 434 -3.14 -2.14 11.17
C GLU A 434 -4.41 -2.43 11.96
N GLU A 435 -4.29 -3.31 12.95
CA GLU A 435 -5.37 -3.61 13.88
C GLU A 435 -4.79 -3.61 15.30
N ARG A 436 -5.57 -3.11 16.25
CA ARG A 436 -5.08 -2.87 17.61
C ARG A 436 -4.59 -4.15 18.28
N ARG A 437 -5.31 -5.25 18.09
CA ARG A 437 -4.93 -6.49 18.73
C ARG A 437 -3.62 -7.07 18.17
N THR A 438 -3.27 -6.67 16.95
CA THR A 438 -1.95 -6.99 16.39
C THR A 438 -0.85 -6.05 16.95
N THR A 439 -1.12 -4.76 16.97
CA THR A 439 -0.18 -3.82 17.55
C THR A 439 0.31 -4.26 18.93
N VAL A 440 -0.61 -4.57 19.84
CA VAL A 440 -0.23 -4.85 21.22
C VAL A 440 0.34 -6.24 21.43
N ASN A 441 0.29 -7.06 20.37
CA ASN A 441 0.84 -8.40 20.38
C ASN A 441 1.81 -8.60 19.21
N LEU A 442 2.44 -7.52 18.76
CA LEU A 442 3.19 -7.54 17.51
C LEU A 442 4.34 -8.57 17.50
N LYS A 443 5.13 -8.61 18.57
CA LYS A 443 6.24 -9.56 18.66
C LYS A 443 5.77 -11.00 18.44
N ALA A 444 4.62 -11.34 19.02
CA ALA A 444 4.06 -12.69 18.87
C ALA A 444 3.54 -12.92 17.45
N CYS A 445 3.05 -11.86 16.82
CA CYS A 445 2.58 -11.96 15.43
C CYS A 445 3.73 -12.26 14.47
N ILE A 446 4.85 -11.56 14.66
CA ILE A 446 6.04 -11.80 13.87
C ILE A 446 6.58 -13.22 14.12
N LYS A 447 6.65 -13.60 15.39
CA LYS A 447 7.12 -14.93 15.76
C LYS A 447 6.29 -16.01 15.07
N ALA A 448 4.97 -15.80 15.05
CA ALA A 448 4.07 -16.76 14.44
C ALA A 448 4.42 -16.98 12.97
N ALA A 449 5.06 -16.00 12.36
CA ALA A 449 5.42 -16.06 10.94
C ALA A 449 6.93 -15.94 10.76
N ALA A 450 7.69 -16.34 11.77
CA ALA A 450 9.14 -16.11 11.82
C ALA A 450 9.91 -16.67 10.63
N ASP A 451 9.34 -17.63 9.93
CA ASP A 451 10.04 -18.20 8.78
C ASP A 451 9.41 -17.80 7.44
N ARG A 452 8.45 -16.87 7.48
CA ARG A 452 7.76 -16.46 6.25
C ARG A 452 7.73 -14.95 6.08
N VAL A 453 7.86 -14.22 7.17
CA VAL A 453 7.63 -12.79 7.13
C VAL A 453 8.70 -12.06 6.31
N VAL A 454 8.27 -11.17 5.43
CA VAL A 454 9.21 -10.36 4.64
C VAL A 454 9.00 -8.87 4.88
N PHE A 455 7.89 -8.53 5.54
CA PHE A 455 7.76 -7.18 6.05
C PHE A 455 6.69 -7.05 7.12
N ILE A 456 6.82 -6.03 7.95
CA ILE A 456 5.71 -5.53 8.74
C ILE A 456 5.49 -4.10 8.26
N ASN A 457 4.27 -3.61 8.38
CA ASN A 457 3.97 -2.26 7.92
C ASN A 457 2.83 -1.66 8.71
N THR A 458 3.01 -0.42 9.15
CA THR A 458 1.96 0.28 9.88
C THR A 458 0.95 0.86 8.93
N GLY A 459 -0.13 0.11 8.71
CA GLY A 459 -1.29 0.62 8.01
C GLY A 459 -2.10 1.51 8.94
N PHE A 460 -1.64 2.75 9.10
CA PHE A 460 -2.17 3.67 10.11
C PHE A 460 -3.63 4.02 9.87
N LEU A 461 -4.08 3.86 8.63
CA LEU A 461 -5.44 4.24 8.29
C LEU A 461 -6.40 3.25 8.93
N ASP A 462 -6.25 1.97 8.61
CA ASP A 462 -7.06 0.95 9.25
C ASP A 462 -6.86 0.98 10.76
N ARG A 463 -5.62 1.16 11.17
CA ARG A 463 -5.29 1.18 12.59
C ARG A 463 -6.12 2.23 13.31
N THR A 464 -6.33 3.36 12.66
CA THR A 464 -7.12 4.44 13.24
C THR A 464 -8.60 4.05 13.31
N GLY A 465 -9.10 3.43 12.24
CA GLY A 465 -10.46 2.92 12.25
C GLY A 465 -10.68 1.91 13.35
N ASP A 466 -9.71 1.02 13.55
CA ASP A 466 -9.82 0.01 14.61
C ASP A 466 -9.71 0.67 15.98
N GLU A 467 -8.88 1.69 16.10
CA GLU A 467 -8.77 2.42 17.35
C GLU A 467 -10.13 2.96 17.77
N ILE A 468 -10.81 3.62 16.83
CA ILE A 468 -12.11 4.20 17.11
C ILE A 468 -13.14 3.14 17.49
N HIS A 469 -13.20 2.06 16.72
CA HIS A 469 -14.23 1.07 16.97
C HIS A 469 -14.00 0.34 18.28
N THR A 470 -12.76 -0.06 18.55
CA THR A 470 -12.47 -0.83 19.74
C THR A 470 -12.97 -0.10 20.99
N SER A 471 -12.77 1.20 21.01
CA SER A 471 -13.11 2.00 22.17
C SER A 471 -14.39 2.82 21.96
N MET A 472 -15.21 2.37 21.01
CA MET A 472 -16.47 3.02 20.68
C MET A 472 -17.30 3.44 21.89
N GLU A 473 -17.37 2.57 22.91
CA GLU A 473 -18.25 2.81 24.05
C GLU A 473 -17.62 3.69 25.12
N ALA A 474 -16.32 3.94 25.01
CA ALA A 474 -15.61 4.70 26.04
C ALA A 474 -16.04 6.17 26.06
N GLY A 475 -16.35 6.72 24.90
CA GLY A 475 -16.79 8.09 24.81
C GLY A 475 -16.49 8.68 23.45
N PRO A 476 -16.73 9.99 23.28
CA PRO A 476 -16.47 10.68 22.02
C PRO A 476 -14.98 10.76 21.72
N MET A 477 -14.60 10.45 20.48
CA MET A 477 -13.20 10.50 20.06
C MET A 477 -12.85 11.87 19.53
N VAL A 478 -11.56 12.16 19.45
CA VAL A 478 -11.10 13.42 18.88
C VAL A 478 -11.40 13.43 17.38
N ARG A 479 -11.43 14.63 16.81
CA ARG A 479 -11.64 14.77 15.38
C ARG A 479 -10.59 13.99 14.60
N LYS A 480 -11.01 13.53 13.42
CA LYS A 480 -10.18 12.73 12.53
C LYS A 480 -8.78 13.32 12.33
N GLY A 481 -8.71 14.63 12.14
CA GLY A 481 -7.45 15.30 11.87
C GLY A 481 -6.50 15.28 13.05
N THR A 482 -7.07 15.13 14.25
CA THR A 482 -6.33 15.10 15.50
C THR A 482 -5.62 13.76 15.71
N MET A 483 -6.15 12.70 15.09
CA MET A 483 -5.64 11.35 15.29
C MET A 483 -4.16 11.14 14.98
N LYS A 484 -3.67 11.73 13.89
CA LYS A 484 -2.29 11.55 13.47
C LYS A 484 -1.26 11.98 14.51
N SER A 485 -1.68 12.80 15.47
CA SER A 485 -0.76 13.32 16.47
C SER A 485 -1.07 12.80 17.88
N GLN A 486 -1.98 11.84 17.97
CA GLN A 486 -2.35 11.27 19.27
C GLN A 486 -1.26 10.33 19.79
N PRO A 487 -1.10 10.29 21.12
CA PRO A 487 -0.10 9.41 21.74
C PRO A 487 -0.17 7.96 21.27
N TRP A 488 -1.37 7.41 21.14
CA TRP A 488 -1.50 6.01 20.80
C TRP A 488 -0.84 5.69 19.45
N ILE A 489 -1.00 6.59 18.48
CA ILE A 489 -0.50 6.33 17.13
C ILE A 489 1.01 6.55 17.02
N LEU A 490 1.52 7.53 17.76
CA LEU A 490 2.95 7.77 17.78
C LEU A 490 3.67 6.57 18.40
N ALA A 491 3.10 6.00 19.46
CA ALA A 491 3.64 4.80 20.10
C ALA A 491 3.56 3.61 19.17
N TYR A 492 2.43 3.47 18.49
CA TYR A 492 2.21 2.40 17.54
C TYR A 492 3.29 2.39 16.44
N GLU A 493 3.62 3.57 15.92
CA GLU A 493 4.61 3.67 14.85
C GLU A 493 6.01 3.24 15.32
N ASP A 494 6.43 3.76 16.47
CA ASP A 494 7.73 3.42 17.04
C ASP A 494 7.78 1.95 17.42
N HIS A 495 6.73 1.49 18.10
CA HIS A 495 6.64 0.11 18.54
C HIS A 495 6.83 -0.89 17.39
N ASN A 496 6.30 -0.55 16.22
CA ASN A 496 6.42 -1.39 15.04
C ASN A 496 7.88 -1.52 14.58
N VAL A 497 8.58 -0.39 14.53
CA VAL A 497 9.98 -0.41 14.14
C VAL A 497 10.81 -1.17 15.17
N ASP A 498 10.58 -0.90 16.45
CA ASP A 498 11.27 -1.61 17.51
C ASP A 498 11.14 -3.13 17.37
N ALA A 499 9.90 -3.60 17.23
CA ALA A 499 9.66 -5.03 17.15
C ALA A 499 10.34 -5.63 15.92
N GLY A 500 10.24 -4.94 14.79
CA GLY A 500 10.91 -5.36 13.57
C GLY A 500 12.41 -5.53 13.76
N LEU A 501 13.08 -4.48 14.22
CA LEU A 501 14.52 -4.52 14.40
C LEU A 501 14.95 -5.59 15.41
N ALA A 502 14.16 -5.75 16.47
CA ALA A 502 14.46 -6.73 17.50
C ALA A 502 14.32 -8.15 16.97
N ALA A 503 13.46 -8.33 15.99
CA ALA A 503 13.29 -9.63 15.35
C ALA A 503 14.32 -9.81 14.22
N GLY A 504 15.30 -8.90 14.17
CA GLY A 504 16.39 -9.02 13.20
C GLY A 504 15.99 -8.71 11.78
N PHE A 505 15.08 -7.76 11.60
CA PHE A 505 14.63 -7.37 10.27
C PHE A 505 15.72 -6.75 9.42
N SER A 506 16.63 -6.00 10.04
CA SER A 506 17.70 -5.37 9.28
C SER A 506 18.46 -6.40 8.45
N GLY A 507 18.52 -6.17 7.15
CA GLY A 507 19.19 -7.08 6.24
C GLY A 507 18.39 -8.34 5.94
N ARG A 508 17.14 -8.40 6.41
CA ARG A 508 16.33 -9.61 6.25
C ARG A 508 14.90 -9.34 5.76
N ALA A 509 14.30 -8.24 6.21
CA ALA A 509 12.90 -7.97 5.89
C ALA A 509 12.61 -6.48 5.99
N GLN A 510 11.56 -6.03 5.32
CA GLN A 510 11.21 -4.62 5.33
C GLN A 510 10.52 -4.18 6.62
N VAL A 511 10.88 -3.00 7.09
CA VAL A 511 10.07 -2.30 8.08
C VAL A 511 9.42 -1.15 7.34
N GLY A 512 8.11 -1.23 7.14
CA GLY A 512 7.43 -0.28 6.26
C GLY A 512 6.48 0.66 6.97
N LYS A 513 6.21 1.80 6.34
CA LYS A 513 5.23 2.72 6.87
C LYS A 513 4.22 3.16 5.81
N GLY A 514 3.23 3.94 6.23
CA GLY A 514 1.98 4.09 5.50
C GLY A 514 1.90 5.03 4.31
N MET A 515 0.68 5.19 3.83
CA MET A 515 0.41 5.81 2.54
C MET A 515 0.29 7.33 2.61
N TRP A 516 0.80 7.99 1.58
CA TRP A 516 0.59 9.42 1.41
C TRP A 516 -0.63 9.59 0.52
N THR A 517 -1.66 10.25 1.04
CA THR A 517 -2.96 10.27 0.36
C THR A 517 -3.25 11.57 -0.43
N MET A 518 -2.45 12.60 -0.23
CA MET A 518 -2.69 13.90 -0.88
C MET A 518 -1.97 13.99 -2.22
N THR A 519 -2.59 13.41 -3.25
CA THR A 519 -1.91 13.18 -4.51
C THR A 519 -1.42 14.43 -5.25
N GLU A 520 -2.00 15.59 -4.95
CA GLU A 520 -1.60 16.83 -5.62
C GLU A 520 -0.56 17.60 -4.82
N LEU A 521 -0.39 17.23 -3.57
CA LEU A 521 0.52 17.95 -2.69
C LEU A 521 1.88 17.27 -2.66
N MET A 522 2.55 17.26 -3.81
CA MET A 522 3.86 16.63 -3.91
C MET A 522 4.96 17.44 -3.23
N ALA A 523 4.86 18.76 -3.26
CA ALA A 523 5.78 19.60 -2.49
C ALA A 523 5.70 19.20 -1.02
N ASP A 524 4.47 19.07 -0.53
CA ASP A 524 4.23 18.64 0.84
C ASP A 524 4.83 17.27 1.11
N MET A 525 4.61 16.34 0.18
CA MET A 525 5.11 14.99 0.39
C MET A 525 6.62 14.99 0.52
N VAL A 526 7.28 15.70 -0.37
CA VAL A 526 8.73 15.76 -0.40
C VAL A 526 9.29 16.34 0.90
N GLU A 527 8.62 17.33 1.47
CA GLU A 527 9.12 17.90 2.72
C GLU A 527 8.73 17.07 3.95
N THR A 528 7.60 16.37 3.87
CA THR A 528 7.06 15.72 5.07
C THR A 528 7.45 14.25 5.18
N LYS A 529 7.32 13.52 4.08
CA LYS A 529 7.37 12.05 4.12
C LYS A 529 8.78 11.51 4.42
N ILE A 530 9.78 12.40 4.43
CA ILE A 530 11.13 12.01 4.82
C ILE A 530 11.19 11.51 6.27
N ALA A 531 10.19 11.86 7.06
CA ALA A 531 10.10 11.39 8.45
C ALA A 531 10.06 9.87 8.56
N GLN A 532 9.53 9.20 7.54
CA GLN A 532 9.41 7.75 7.61
C GLN A 532 10.78 7.02 7.53
N PRO A 533 11.59 7.32 6.50
CA PRO A 533 12.92 6.71 6.49
C PRO A 533 13.73 7.18 7.70
N ARG A 534 13.53 8.42 8.13
CA ARG A 534 14.22 8.92 9.32
C ARG A 534 13.82 8.14 10.56
N ALA A 535 12.65 7.53 10.52
CA ALA A 535 12.17 6.73 11.64
C ALA A 535 12.67 5.30 11.54
N GLY A 536 13.47 5.02 10.52
CA GLY A 536 14.07 3.71 10.35
C GLY A 536 13.28 2.75 9.49
N ALA A 537 12.31 3.27 8.74
CA ALA A 537 11.53 2.44 7.83
C ALA A 537 12.29 2.21 6.53
N SER A 538 12.50 0.96 6.15
CA SER A 538 13.23 0.67 4.92
C SER A 538 12.34 0.83 3.70
N THR A 539 11.05 1.05 3.94
CA THR A 539 10.13 1.34 2.86
C THR A 539 8.90 2.07 3.38
N ALA A 540 8.20 2.76 2.48
CA ALA A 540 6.96 3.43 2.82
C ALA A 540 6.10 3.57 1.57
N TRP A 541 4.80 3.69 1.75
CA TRP A 541 3.86 3.56 0.64
C TRP A 541 3.60 4.84 -0.11
N VAL A 542 3.52 4.73 -1.42
CA VAL A 542 3.19 5.85 -2.29
C VAL A 542 2.07 5.45 -3.23
N PRO A 543 1.26 6.42 -3.67
CA PRO A 543 0.05 6.19 -4.47
C PRO A 543 0.31 6.15 -5.98
N SER A 544 1.49 6.58 -6.44
CA SER A 544 1.73 6.66 -7.88
C SER A 544 3.20 6.56 -8.24
N PRO A 545 3.50 6.23 -9.50
CA PRO A 545 4.87 6.20 -10.00
C PRO A 545 5.56 7.55 -9.81
N THR A 546 4.85 8.63 -10.10
CA THR A 546 5.39 9.97 -9.87
C THR A 546 5.78 10.13 -8.41
N ALA A 547 4.87 9.75 -7.51
CA ALA A 547 5.13 9.83 -6.08
C ALA A 547 6.31 8.95 -5.65
N ALA A 548 6.43 7.78 -6.29
CA ALA A 548 7.55 6.89 -6.00
C ALA A 548 8.89 7.56 -6.30
N THR A 549 8.94 8.23 -7.44
CA THR A 549 10.15 8.94 -7.89
C THR A 549 10.54 10.05 -6.91
N LEU A 550 9.55 10.79 -6.44
CA LEU A 550 9.79 11.89 -5.53
C LEU A 550 10.14 11.38 -4.14
N HIS A 551 9.47 10.32 -3.70
CA HIS A 551 9.78 9.72 -2.39
C HIS A 551 11.17 9.08 -2.38
N ALA A 552 11.65 8.65 -3.54
CA ALA A 552 12.98 8.06 -3.66
C ALA A 552 14.07 9.04 -3.22
N LEU A 553 13.82 10.32 -3.45
CA LEU A 553 14.74 11.37 -3.00
C LEU A 553 15.09 11.21 -1.53
N HIS A 554 14.10 10.82 -0.73
CA HIS A 554 14.29 10.72 0.71
C HIS A 554 15.31 9.64 1.09
N TYR A 555 15.36 8.57 0.31
CA TYR A 555 16.24 7.46 0.60
C TYR A 555 17.69 7.76 0.21
N HIS A 556 17.87 8.72 -0.69
CA HIS A 556 19.20 9.22 -1.01
C HIS A 556 19.70 10.17 0.06
N GLN A 557 18.77 10.84 0.74
CA GLN A 557 19.16 11.74 1.81
C GLN A 557 19.34 10.99 3.13
N VAL A 558 18.45 10.04 3.38
CA VAL A 558 18.49 9.28 4.62
C VAL A 558 19.23 7.96 4.39
N ASP A 559 20.14 7.64 5.31
CA ASP A 559 20.81 6.34 5.28
C ASP A 559 20.08 5.42 6.24
N VAL A 560 19.08 4.71 5.72
CA VAL A 560 18.19 3.91 6.55
C VAL A 560 18.93 2.77 7.26
N ALA A 561 19.90 2.17 6.58
CA ALA A 561 20.71 1.13 7.19
C ALA A 561 21.35 1.66 8.47
N ALA A 562 21.91 2.86 8.37
CA ALA A 562 22.52 3.51 9.53
C ALA A 562 21.50 3.79 10.62
N VAL A 563 20.38 4.39 10.25
CA VAL A 563 19.32 4.72 11.21
C VAL A 563 18.87 3.46 11.96
N GLN A 564 18.63 2.39 11.22
CA GLN A 564 18.20 1.12 11.82
C GLN A 564 19.24 0.57 12.80
N GLN A 565 20.51 0.59 12.40
CA GLN A 565 21.58 0.12 13.29
C GLN A 565 21.59 0.90 14.59
N GLY A 566 21.32 2.21 14.51
CA GLY A 566 21.32 3.06 15.68
C GLY A 566 20.11 2.87 16.57
N LEU A 567 19.03 2.35 15.99
CA LEU A 567 17.80 2.12 16.74
C LEU A 567 17.79 0.78 17.46
N ALA A 568 18.74 -0.09 17.11
CA ALA A 568 18.72 -1.46 17.60
C ALA A 568 18.74 -1.54 19.12
N GLY A 569 17.88 -2.39 19.67
CA GLY A 569 17.88 -2.64 21.10
C GLY A 569 16.98 -1.72 21.91
N LYS A 570 16.48 -0.67 21.26
CA LYS A 570 15.67 0.33 21.95
C LYS A 570 14.24 -0.12 22.14
N ARG A 571 13.67 0.19 23.31
CA ARG A 571 12.27 -0.02 23.57
C ARG A 571 11.64 1.33 23.83
N ARG A 572 10.96 1.87 22.82
CA ARG A 572 10.56 3.26 22.82
C ARG A 572 9.07 3.49 23.09
N ALA A 573 8.30 2.43 23.12
CA ALA A 573 6.87 2.51 23.41
C ALA A 573 6.46 1.48 24.44
N THR A 574 5.70 1.91 25.44
CA THR A 574 5.19 0.99 26.45
C THR A 574 3.78 0.54 26.09
N ILE A 575 3.38 -0.59 26.66
CA ILE A 575 2.03 -1.08 26.48
C ILE A 575 1.00 -0.02 26.89
N GLU A 576 1.31 0.75 27.92
CA GLU A 576 0.38 1.78 28.41
C GLU A 576 0.19 2.89 27.39
N GLN A 577 1.26 3.21 26.66
CA GLN A 577 1.19 4.21 25.62
C GLN A 577 0.36 3.71 24.44
N LEU A 578 0.60 2.48 24.03
CA LEU A 578 -0.16 1.87 22.94
C LEU A 578 -1.66 1.88 23.25
N LEU A 579 -1.99 1.71 24.54
CA LEU A 579 -3.37 1.59 25.00
C LEU A 579 -4.08 2.90 25.28
N THR A 580 -3.44 4.02 24.96
CA THR A 580 -3.99 5.33 25.25
C THR A 580 -5.12 5.71 24.29
N ILE A 581 -6.36 5.56 24.75
CA ILE A 581 -7.54 5.85 23.94
C ILE A 581 -7.67 7.34 23.62
N PRO A 582 -7.85 7.67 22.34
CA PRO A 582 -7.93 9.07 21.87
C PRO A 582 -9.28 9.73 22.17
N LEU A 583 -9.73 9.65 23.42
CA LEU A 583 -10.95 10.30 23.86
C LEU A 583 -10.82 11.83 23.78
N ALA A 584 -11.87 12.49 23.33
CA ALA A 584 -11.90 13.95 23.36
C ALA A 584 -12.13 14.41 24.79
N LYS A 585 -11.65 15.61 25.10
CA LYS A 585 -11.90 16.17 26.42
C LYS A 585 -13.16 17.03 26.38
N GLU A 586 -13.94 16.93 27.45
CA GLU A 586 -15.19 17.68 27.60
C GLU A 586 -15.15 19.06 26.95
N LEU A 587 -16.19 19.38 26.18
CA LEU A 587 -16.33 20.70 25.57
C LEU A 587 -15.16 21.07 24.68
N ALA A 588 -14.64 20.09 23.94
CA ALA A 588 -13.46 20.30 23.11
C ALA A 588 -13.75 21.12 21.86
N TRP A 589 -15.03 21.24 21.50
CA TRP A 589 -15.40 21.84 20.23
C TRP A 589 -16.53 22.85 20.31
N ALA A 590 -16.43 23.89 19.50
CA ALA A 590 -17.51 24.83 19.31
C ALA A 590 -18.45 24.23 18.26
N PRO A 591 -19.66 24.77 18.14
CA PRO A 591 -20.64 24.22 17.19
C PRO A 591 -20.13 24.18 15.76
N ASP A 592 -19.39 25.20 15.35
CA ASP A 592 -18.89 25.27 13.97
C ASP A 592 -17.84 24.21 13.69
N GLU A 593 -17.04 23.88 14.71
CA GLU A 593 -16.03 22.85 14.56
C GLU A 593 -16.72 21.50 14.38
N ILE A 594 -17.75 21.27 15.19
CA ILE A 594 -18.54 20.04 15.08
C ILE A 594 -19.18 19.96 13.70
N ARG A 595 -19.83 21.03 13.23
CA ARG A 595 -20.44 20.98 11.91
C ARG A 595 -19.38 20.74 10.82
N GLU A 596 -18.21 21.36 10.93
CA GLU A 596 -17.20 21.14 9.90
C GLU A 596 -16.76 19.69 9.82
N GLU A 597 -16.52 19.08 10.99
CA GLU A 597 -16.12 17.68 11.03
C GLU A 597 -17.20 16.82 10.38
N VAL A 598 -18.46 17.10 10.73
CA VAL A 598 -19.56 16.32 10.19
C VAL A 598 -19.68 16.48 8.68
N ASP A 599 -19.77 17.72 8.22
CA ASP A 599 -19.83 18.00 6.79
C ASP A 599 -18.64 17.41 6.04
N ASN A 600 -17.43 17.61 6.58
CA ASN A 600 -16.23 17.08 5.93
C ASN A 600 -16.30 15.56 5.80
N ASN A 601 -16.61 14.88 6.91
CA ASN A 601 -16.70 13.43 6.89
C ASN A 601 -17.80 12.92 5.97
N CYS A 602 -18.93 13.60 5.96
CA CYS A 602 -20.03 13.21 5.10
C CYS A 602 -19.67 13.36 3.62
N GLN A 603 -19.03 14.47 3.28
CA GLN A 603 -18.61 14.67 1.90
C GLN A 603 -17.60 13.62 1.46
N SER A 604 -16.63 13.35 2.32
CA SER A 604 -15.61 12.36 1.98
C SER A 604 -16.24 10.99 1.83
N ILE A 605 -17.16 10.67 2.72
CA ILE A 605 -17.86 9.38 2.69
C ILE A 605 -18.69 9.25 1.41
N LEU A 606 -19.53 10.25 1.17
CA LEU A 606 -20.36 10.30 -0.03
C LEU A 606 -19.53 10.27 -1.31
N GLY A 607 -18.48 11.08 -1.36
CA GLY A 607 -17.61 11.11 -2.53
C GLY A 607 -17.05 9.74 -2.90
N TYR A 608 -16.54 9.02 -1.89
CA TYR A 608 -15.94 7.72 -2.12
C TYR A 608 -17.00 6.68 -2.46
N VAL A 609 -18.04 6.63 -1.63
CA VAL A 609 -19.07 5.60 -1.73
C VAL A 609 -19.82 5.65 -3.06
N VAL A 610 -20.13 6.85 -3.54
CA VAL A 610 -20.94 6.94 -4.74
C VAL A 610 -20.23 6.26 -5.91
N ARG A 611 -18.93 6.42 -6.01
CA ARG A 611 -18.17 5.79 -7.09
C ARG A 611 -17.92 4.32 -6.83
N TRP A 612 -17.82 3.94 -5.55
CA TRP A 612 -17.65 2.55 -5.17
C TRP A 612 -18.90 1.79 -5.58
N VAL A 613 -20.05 2.26 -5.09
CA VAL A 613 -21.32 1.60 -5.29
C VAL A 613 -21.83 1.70 -6.73
N ASP A 614 -21.70 2.88 -7.34
CA ASP A 614 -22.22 3.12 -8.67
C ASP A 614 -21.29 2.62 -9.79
N GLN A 615 -19.98 2.77 -9.59
CA GLN A 615 -19.04 2.46 -10.66
C GLN A 615 -17.96 1.42 -10.33
N GLY A 616 -17.98 0.86 -9.12
CA GLY A 616 -17.03 -0.19 -8.77
C GLY A 616 -15.60 0.31 -8.71
N VAL A 617 -15.42 1.56 -8.31
CA VAL A 617 -14.10 2.14 -8.14
C VAL A 617 -13.73 2.13 -6.66
N GLY A 618 -12.68 1.38 -6.32
CA GLY A 618 -12.29 1.21 -4.94
C GLY A 618 -11.31 2.25 -4.41
N ALA A 619 -10.88 3.16 -5.29
CA ALA A 619 -10.01 4.25 -4.88
C ALA A 619 -10.26 5.47 -5.75
N SER A 620 -10.60 6.58 -5.10
CA SER A 620 -11.00 7.80 -5.82
C SER A 620 -10.39 9.02 -5.16
N LYS A 621 -9.98 9.97 -5.99
CA LYS A 621 -9.60 11.29 -5.50
C LYS A 621 -10.88 12.07 -5.21
N VAL A 622 -11.07 12.40 -3.94
CA VAL A 622 -12.24 13.15 -3.50
C VAL A 622 -11.79 14.42 -2.79
N PRO A 623 -12.09 15.58 -3.38
CA PRO A 623 -11.71 16.83 -2.73
C PRO A 623 -12.43 16.95 -1.39
N ASP A 624 -11.71 17.27 -0.33
CA ASP A 624 -12.35 17.40 0.96
C ASP A 624 -13.00 18.78 1.11
N ILE A 625 -13.40 19.11 2.33
CA ILE A 625 -14.13 20.34 2.58
C ILE A 625 -13.23 21.57 2.42
N HIS A 626 -11.92 21.35 2.51
CA HIS A 626 -10.96 22.41 2.25
C HIS A 626 -10.43 22.31 0.82
N ASP A 627 -11.08 21.48 0.02
CA ASP A 627 -10.75 21.34 -1.39
C ASP A 627 -9.39 20.66 -1.61
N VAL A 628 -8.91 19.94 -0.61
CA VAL A 628 -7.71 19.14 -0.80
C VAL A 628 -8.08 17.82 -1.46
N ALA A 629 -7.43 17.50 -2.57
CA ALA A 629 -7.68 16.24 -3.25
C ALA A 629 -7.12 15.08 -2.44
N LEU A 630 -8.02 14.27 -1.88
CA LEU A 630 -7.60 13.14 -1.08
C LEU A 630 -7.92 11.84 -1.78
N MET A 631 -6.92 10.97 -1.87
CA MET A 631 -7.17 9.63 -2.38
C MET A 631 -7.85 8.80 -1.30
N GLU A 632 -9.10 8.45 -1.54
CA GLU A 632 -9.92 7.73 -0.58
C GLU A 632 -9.96 6.24 -0.89
N ASP A 633 -9.94 5.42 0.15
CA ASP A 633 -10.23 4.01 0.01
C ASP A 633 -11.01 3.49 1.21
N ARG A 634 -11.10 2.17 1.35
CA ARG A 634 -11.93 1.59 2.39
C ARG A 634 -11.46 1.99 3.78
N ALA A 635 -10.14 2.08 3.96
CA ALA A 635 -9.57 2.45 5.25
C ALA A 635 -9.93 3.88 5.66
N THR A 636 -9.81 4.82 4.72
CA THR A 636 -10.15 6.21 5.00
C THR A 636 -11.65 6.35 5.28
N LEU A 637 -12.42 5.51 4.57
CA LEU A 637 -13.86 5.40 4.81
C LEU A 637 -14.14 4.83 6.19
N ARG A 638 -13.40 3.81 6.60
CA ARG A 638 -13.62 3.23 7.90
C ARG A 638 -13.42 4.29 8.99
N ILE A 639 -12.41 5.13 8.84
CA ILE A 639 -12.19 6.19 9.80
C ILE A 639 -13.38 7.16 9.86
N SER A 640 -13.72 7.73 8.72
CA SER A 640 -14.78 8.73 8.65
C SER A 640 -16.09 8.22 9.22
N SER A 641 -16.52 7.05 8.76
CA SER A 641 -17.80 6.50 9.16
C SER A 641 -17.81 6.10 10.63
N GLN A 642 -16.71 5.55 11.12
CA GLN A 642 -16.61 5.19 12.54
C GLN A 642 -16.60 6.41 13.44
N LEU A 643 -15.93 7.47 13.02
CA LEU A 643 -15.91 8.69 13.81
C LEU A 643 -17.33 9.26 13.96
N LEU A 644 -18.04 9.41 12.84
CA LEU A 644 -19.42 9.90 12.92
C LEU A 644 -20.31 8.97 13.74
N ALA A 645 -20.07 7.66 13.63
CA ALA A 645 -20.85 6.70 14.41
C ALA A 645 -20.60 6.93 15.91
N ASN A 646 -19.34 7.16 16.25
CA ASN A 646 -18.93 7.44 17.61
C ASN A 646 -19.53 8.73 18.15
N TRP A 647 -19.55 9.77 17.32
CA TRP A 647 -20.10 11.06 17.73
C TRP A 647 -21.61 10.97 17.94
N LEU A 648 -22.28 10.23 17.08
CA LEU A 648 -23.72 10.00 17.21
C LEU A 648 -24.02 9.18 18.46
N ARG A 649 -23.17 8.20 18.72
CA ARG A 649 -23.36 7.28 19.84
C ARG A 649 -23.29 8.01 21.18
N HIS A 650 -22.48 9.06 21.24
CA HIS A 650 -22.26 9.75 22.51
C HIS A 650 -22.89 11.14 22.57
N GLY A 651 -23.79 11.45 21.65
CA GLY A 651 -24.57 12.66 21.73
C GLY A 651 -23.89 13.94 21.27
N VAL A 652 -22.75 13.83 20.59
CA VAL A 652 -22.09 15.01 20.05
C VAL A 652 -22.91 15.60 18.91
N ILE A 653 -23.57 14.73 18.14
CA ILE A 653 -24.43 15.15 17.07
C ILE A 653 -25.73 14.36 17.15
N THR A 654 -26.78 14.87 16.52
CA THR A 654 -28.07 14.17 16.52
C THR A 654 -28.28 13.44 15.21
N SER A 655 -29.32 12.62 15.15
CA SER A 655 -29.66 11.91 13.93
C SER A 655 -30.12 12.89 12.84
N ALA A 656 -30.65 14.03 13.26
CA ALA A 656 -31.04 15.06 12.29
C ALA A 656 -29.81 15.72 11.69
N ASP A 657 -28.76 15.89 12.49
CA ASP A 657 -27.50 16.44 12.00
C ASP A 657 -26.92 15.57 10.89
N VAL A 658 -26.77 14.29 11.17
CA VAL A 658 -26.21 13.37 10.19
C VAL A 658 -27.00 13.45 8.89
N ARG A 659 -28.31 13.29 8.97
CA ARG A 659 -29.13 13.30 7.78
C ARG A 659 -29.01 14.62 7.01
N ALA A 660 -29.11 15.73 7.74
CA ALA A 660 -29.03 17.04 7.12
C ALA A 660 -27.69 17.24 6.40
N SER A 661 -26.62 16.73 7.00
CA SER A 661 -25.29 16.92 6.41
C SER A 661 -25.13 16.05 5.17
N LEU A 662 -25.54 14.79 5.27
CA LEU A 662 -25.56 13.92 4.11
C LEU A 662 -26.33 14.57 2.96
N GLU A 663 -27.51 15.11 3.28
CA GLU A 663 -28.34 15.74 2.25
C GLU A 663 -27.69 17.00 1.69
N ARG A 664 -26.93 17.69 2.53
CA ARG A 664 -26.29 18.92 2.12
C ARG A 664 -25.07 18.67 1.24
N MET A 665 -24.28 17.67 1.61
CA MET A 665 -23.03 17.41 0.90
C MET A 665 -23.26 16.63 -0.39
N ALA A 666 -24.35 15.88 -0.45
CA ALA A 666 -24.63 15.06 -1.62
C ALA A 666 -24.64 15.85 -2.94
N PRO A 667 -25.43 16.93 -3.02
CA PRO A 667 -25.49 17.71 -4.26
C PRO A 667 -24.11 18.24 -4.64
N LEU A 668 -23.26 18.46 -3.65
CA LEU A 668 -21.93 18.96 -3.91
C LEU A 668 -21.07 17.86 -4.55
N VAL A 669 -21.23 16.64 -4.05
CA VAL A 669 -20.57 15.49 -4.65
C VAL A 669 -21.09 15.26 -6.07
N ASP A 670 -22.40 15.39 -6.25
CA ASP A 670 -22.98 15.29 -7.59
C ASP A 670 -22.30 16.27 -8.53
N ARG A 671 -22.08 17.50 -8.05
CA ARG A 671 -21.47 18.53 -8.87
C ARG A 671 -19.98 18.30 -9.09
N GLN A 672 -19.32 17.70 -8.10
CA GLN A 672 -17.90 17.40 -8.21
C GLN A 672 -17.61 16.35 -9.29
N ASN A 673 -18.63 15.61 -9.65
CA ASN A 673 -18.55 14.61 -10.68
C ASN A 673 -19.11 15.00 -12.05
N ALA A 674 -20.44 15.00 -12.18
CA ALA A 674 -21.23 15.35 -13.36
C ALA A 674 -20.59 15.09 -14.70
N VAL A 677 -19.44 12.61 -16.47
CA VAL A 677 -18.89 11.28 -16.63
C VAL A 677 -20.06 10.29 -16.71
N ALA A 678 -19.80 9.00 -16.56
CA ALA A 678 -20.88 8.02 -16.50
C ALA A 678 -21.61 8.10 -15.16
N TYR A 679 -21.72 9.31 -14.62
CA TYR A 679 -22.14 9.53 -13.23
C TYR A 679 -23.64 9.80 -13.06
N ARG A 680 -24.25 9.11 -12.11
CA ARG A 680 -25.65 9.36 -11.73
C ARG A 680 -25.72 10.18 -10.45
N PRO A 681 -26.57 11.23 -10.45
CA PRO A 681 -26.78 12.08 -9.28
C PRO A 681 -27.51 11.35 -8.15
N MET A 682 -27.14 11.64 -6.92
CA MET A 682 -27.82 11.08 -5.74
C MET A 682 -29.05 11.92 -5.40
N ALA A 683 -28.89 13.23 -5.48
CA ALA A 683 -29.98 14.16 -5.25
C ALA A 683 -30.92 14.19 -6.45
N PRO A 684 -32.18 14.59 -6.24
CA PRO A 684 -32.75 15.01 -4.96
C PRO A 684 -33.42 13.86 -4.22
N ASN A 685 -33.56 12.72 -4.90
CA ASN A 685 -34.31 11.58 -4.38
C ASN A 685 -33.40 10.64 -3.60
N PHE A 686 -32.99 11.08 -2.42
CA PHE A 686 -32.01 10.36 -1.62
C PHE A 686 -32.45 8.97 -1.23
N ASP A 687 -33.70 8.84 -0.80
CA ASP A 687 -34.19 7.57 -0.27
C ASP A 687 -34.29 6.51 -1.37
N ASP A 688 -33.97 6.91 -2.60
CA ASP A 688 -34.02 6.01 -3.75
C ASP A 688 -32.62 5.78 -4.32
N SER A 689 -31.63 6.45 -3.75
CA SER A 689 -30.25 6.30 -4.20
C SER A 689 -29.50 5.26 -3.38
N ILE A 690 -29.11 4.16 -4.01
CA ILE A 690 -28.42 3.10 -3.32
C ILE A 690 -27.11 3.61 -2.71
N ALA A 691 -26.39 4.41 -3.48
CA ALA A 691 -25.14 4.99 -3.01
C ALA A 691 -25.39 5.87 -1.78
N PHE A 692 -26.43 6.69 -1.82
CA PHE A 692 -26.77 7.54 -0.68
C PHE A 692 -27.10 6.68 0.55
N LEU A 693 -27.91 5.65 0.35
CA LEU A 693 -28.32 4.76 1.43
C LEU A 693 -27.14 3.98 2.00
N ALA A 694 -26.19 3.63 1.14
CA ALA A 694 -24.97 2.97 1.60
C ALA A 694 -24.23 3.89 2.56
N ALA A 695 -24.00 5.12 2.12
CA ALA A 695 -23.31 6.11 2.94
C ALA A 695 -24.01 6.25 4.29
N GLN A 696 -25.32 6.45 4.24
CA GLN A 696 -26.12 6.61 5.44
C GLN A 696 -25.93 5.42 6.36
N GLU A 697 -26.07 4.23 5.79
CA GLU A 697 -25.95 3.00 6.55
C GLU A 697 -24.59 2.87 7.22
N LEU A 698 -23.54 3.18 6.48
CA LEU A 698 -22.18 3.15 7.03
C LEU A 698 -22.09 3.93 8.34
N ILE A 699 -22.82 5.03 8.42
CA ILE A 699 -22.78 5.85 9.62
C ILE A 699 -23.74 5.32 10.67
N LEU A 700 -25.01 5.19 10.30
CA LEU A 700 -26.05 4.83 11.26
C LEU A 700 -25.91 3.40 11.81
N SER A 701 -25.21 2.54 11.07
CA SER A 701 -24.98 1.16 11.48
C SER A 701 -23.52 0.92 11.86
N GLY A 702 -22.72 1.98 11.83
CA GLY A 702 -21.30 1.90 12.05
C GLY A 702 -20.90 1.15 13.31
N ALA A 703 -21.59 1.44 14.39
CA ALA A 703 -21.25 0.83 15.67
C ALA A 703 -21.44 -0.68 15.66
N GLN A 704 -22.34 -1.16 14.80
CA GLN A 704 -22.65 -2.57 14.77
C GLN A 704 -21.86 -3.35 13.72
N GLN A 705 -21.04 -2.67 12.95
CA GLN A 705 -20.19 -3.35 11.96
C GLN A 705 -18.97 -3.96 12.65
N PRO A 706 -18.64 -5.21 12.30
CA PRO A 706 -17.54 -5.95 12.93
C PRO A 706 -16.26 -5.15 12.83
N ASN A 707 -15.75 -4.72 13.98
CA ASN A 707 -14.53 -3.92 14.03
C ASN A 707 -14.61 -2.69 13.14
N GLY A 708 -15.85 -2.28 12.84
CA GLY A 708 -16.09 -1.10 12.05
C GLY A 708 -15.77 -1.26 10.58
N TYR A 709 -15.63 -2.51 10.13
CA TYR A 709 -15.29 -2.76 8.72
C TYR A 709 -16.42 -2.32 7.78
N THR A 710 -16.02 -1.81 6.62
CA THR A 710 -16.96 -1.21 5.68
C THR A 710 -17.41 -2.18 4.59
N GLU A 711 -16.66 -3.27 4.40
CA GLU A 711 -16.96 -4.22 3.32
C GLU A 711 -18.36 -4.81 3.33
N PRO A 712 -18.84 -5.24 4.51
CA PRO A 712 -20.17 -5.86 4.50
C PRO A 712 -21.21 -4.94 3.86
N ILE A 713 -21.20 -3.67 4.23
CA ILE A 713 -22.16 -2.74 3.66
C ILE A 713 -21.83 -2.43 2.20
N LEU A 714 -20.57 -2.12 1.93
CA LEU A 714 -20.17 -1.75 0.57
C LEU A 714 -20.50 -2.88 -0.40
N HIS A 715 -20.16 -4.11 -0.02
CA HIS A 715 -20.38 -5.26 -0.88
C HIS A 715 -21.85 -5.48 -1.14
N ARG A 716 -22.64 -5.49 -0.08
CA ARG A 716 -24.09 -5.63 -0.19
C ARG A 716 -24.68 -4.56 -1.11
N ARG A 717 -24.30 -3.30 -0.90
CA ARG A 717 -24.83 -2.19 -1.70
C ARG A 717 -24.36 -2.19 -3.16
N ARG A 718 -23.09 -2.52 -3.38
CA ARG A 718 -22.56 -2.61 -4.75
C ARG A 718 -23.31 -3.69 -5.52
N ARG A 719 -23.57 -4.78 -4.84
CA ARG A 719 -24.26 -5.93 -5.37
C ARG A 719 -25.71 -5.55 -5.69
N GLU A 720 -26.31 -4.77 -4.85
CA GLU A 720 -27.64 -4.24 -5.07
C GLU A 720 -27.66 -3.32 -6.28
N PHE A 721 -26.67 -2.45 -6.40
CA PHE A 721 -26.59 -1.55 -7.55
C PHE A 721 -26.47 -2.35 -8.84
N LYS A 722 -25.56 -3.33 -8.84
CA LYS A 722 -25.37 -4.20 -10.00
C LYS A 722 -26.66 -4.92 -10.37
N ALA A 723 -27.36 -5.44 -9.37
CA ALA A 723 -28.61 -6.13 -9.60
C ALA A 723 -29.60 -5.19 -10.27
N ARG A 724 -29.68 -3.96 -9.76
CA ARG A 724 -30.62 -2.99 -10.27
C ARG A 724 -30.26 -2.56 -11.70
N ALA A 725 -28.96 -2.46 -11.96
CA ALA A 725 -28.49 -1.98 -13.25
C ALA A 725 -28.70 -2.99 -14.38
N ALA A 726 -28.77 -4.27 -14.03
CA ALA A 726 -28.92 -5.33 -15.02
C ALA A 726 -30.37 -5.51 -15.47
N GLU A 727 -31.27 -4.77 -14.84
CA GLU A 727 -32.68 -4.84 -15.18
C GLU A 727 -33.23 -3.48 -15.61
#